data_2QJW
#
_entry.id   2QJW
#
_cell.length_a   71.800
_cell.length_b   60.640
_cell.length_c   74.720
_cell.angle_alpha   90.000
_cell.angle_beta   94.570
_cell.angle_gamma   90.000
#
_symmetry.space_group_name_H-M   'P 1 21 1'
#
loop_
_entity.id
_entity.type
_entity.pdbx_description
1 polymer 'Uncharacterized protein XCC1541'
2 non-polymer 'CHLORIDE ION'
3 non-polymer 'L(+)-TARTARIC ACID'
4 non-polymer DI(HYDROXYETHYL)ETHER
5 non-polymer 'HEXAETHYLENE GLYCOL'
6 water water
#
_entity_poly.entity_id   1
_entity_poly.type   'polypeptide(L)'
_entity_poly.pdbx_seq_one_letter_code
;G(MSE)SRGHCILAHGFESGPDALKVTALAEVAERLGWTHERPDFTDLDARRDLGQLGDVRGRLQRLLEIARAATEKGPV
VLAGSSLGSYIAAQVSLQVPTRALFL(MSE)VPPTK(MSE)GPLPALDAAAVPISIVHAWHDELIPAADVIAWAQARSAR
LLLVDDGHRLGAHVQAASRAFAELLQSL
;
_entity_poly.pdbx_strand_id   A,B,C,D
#
# COMPACT_ATOMS: atom_id res chain seq x y z
N GLY A 1 -12.94 -3.75 18.05
CA GLY A 1 -13.99 -3.03 18.86
C GLY A 1 -14.14 -1.60 18.40
N SER A 3 -12.56 1.00 19.51
CA SER A 3 -11.23 1.62 19.38
C SER A 3 -10.59 1.34 18.05
N ARG A 4 -9.94 2.35 17.51
CA ARG A 4 -9.24 2.20 16.25
C ARG A 4 -8.12 1.13 16.35
N GLY A 5 -7.58 0.94 17.53
CA GLY A 5 -6.62 -0.16 17.73
C GLY A 5 -5.62 0.08 18.79
N HIS A 6 -4.71 -0.90 18.89
CA HIS A 6 -3.72 -0.99 19.94
C HIS A 6 -2.30 -1.13 19.39
N CYS A 7 -1.37 -0.39 20.00
CA CYS A 7 0.06 -0.48 19.63
C CYS A 7 0.85 -1.18 20.73
N ILE A 8 1.64 -2.17 20.33
CA ILE A 8 2.55 -2.85 21.26
C ILE A 8 3.94 -2.41 20.87
N LEU A 9 4.66 -1.75 21.79
CA LEU A 9 5.95 -1.09 21.54
C LEU A 9 7.03 -1.83 22.28
N ALA A 10 7.96 -2.49 21.57
CA ALA A 10 8.97 -3.37 22.19
C ALA A 10 10.35 -2.77 22.25
N HIS A 11 10.80 -2.59 23.47
CA HIS A 11 12.12 -2.03 23.73
C HIS A 11 13.28 -2.91 23.31
N GLY A 12 14.45 -2.28 23.08
CA GLY A 12 15.64 -3.00 22.66
C GLY A 12 16.34 -3.73 23.80
N PHE A 13 17.43 -4.39 23.43
CA PHE A 13 18.21 -5.18 24.35
C PHE A 13 18.81 -4.32 25.45
N GLU A 14 18.65 -4.76 26.70
CA GLU A 14 19.17 -4.06 27.88
C GLU A 14 18.60 -2.66 28.03
N SER A 15 17.46 -2.41 27.39
CA SER A 15 16.85 -1.16 27.53
C SER A 15 15.74 -1.56 28.48
N GLY A 16 14.62 -0.92 28.43
CA GLY A 16 13.50 -1.30 29.29
C GLY A 16 12.31 -0.56 28.78
N PRO A 17 11.13 -0.81 29.37
CA PRO A 17 9.89 -0.17 28.87
C PRO A 17 9.81 1.36 29.05
N ASP A 18 10.71 1.95 29.84
CA ASP A 18 10.73 3.40 30.04
C ASP A 18 11.80 4.12 29.25
N ALA A 19 12.46 3.40 28.35
CA ALA A 19 13.49 3.93 27.50
C ALA A 19 12.90 5.04 26.62
N LEU A 20 13.79 5.93 26.23
CA LEU A 20 13.40 7.09 25.46
C LEU A 20 12.59 6.83 24.19
N LYS A 21 13.05 5.93 23.33
CA LYS A 21 12.36 5.82 22.03
C LYS A 21 10.98 5.16 22.14
N VAL A 22 10.84 4.08 22.93
CA VAL A 22 9.51 3.47 23.11
C VAL A 22 8.57 4.40 23.86
N THR A 23 9.06 5.20 24.81
CA THR A 23 8.26 6.14 25.50
C THR A 23 7.75 7.18 24.52
N ALA A 24 8.60 7.64 23.63
CA ALA A 24 8.20 8.59 22.60
C ALA A 24 7.14 8.00 21.69
N LEU A 25 7.29 6.74 21.33
CA LEU A 25 6.30 6.12 20.47
C LEU A 25 4.97 5.96 21.21
N ALA A 26 4.99 5.68 22.50
CA ALA A 26 3.76 5.61 23.31
C ALA A 26 3.06 6.97 23.33
N GLU A 27 3.81 8.05 23.41
CA GLU A 27 3.20 9.37 23.38
C GLU A 27 2.57 9.60 22.02
N VAL A 28 3.15 9.10 20.92
CA VAL A 28 2.53 9.26 19.61
C VAL A 28 1.25 8.48 19.58
N ALA A 29 1.28 7.23 20.00
CA ALA A 29 0.07 6.40 20.02
C ALA A 29 -1.00 7.16 20.84
N GLU A 30 -0.63 7.65 22.03
CA GLU A 30 -1.60 8.40 22.85
C GLU A 30 -2.23 9.56 22.13
N ARG A 31 -1.42 10.39 21.51
CA ARG A 31 -1.88 11.60 20.85
C ARG A 31 -2.71 11.33 19.61
N LEU A 32 -2.52 10.16 19.01
N LEU A 32 -2.53 10.16 19.01
CA LEU A 32 -3.26 9.72 17.81
CA LEU A 32 -3.27 9.77 17.82
C LEU A 32 -4.48 8.84 18.13
C LEU A 32 -4.52 8.91 18.14
N GLY A 33 -4.78 8.63 19.41
CA GLY A 33 -5.95 7.90 19.81
C GLY A 33 -5.92 6.39 19.80
N TRP A 34 -4.71 5.83 19.71
CA TRP A 34 -4.51 4.44 19.81
C TRP A 34 -4.22 4.07 21.27
N THR A 35 -4.64 2.89 21.70
CA THR A 35 -4.20 2.44 23.00
C THR A 35 -2.77 1.87 22.80
N HIS A 36 -2.06 1.64 23.89
CA HIS A 36 -0.65 1.23 23.79
C HIS A 36 -0.15 0.58 25.04
N GLU A 37 0.87 -0.24 24.86
CA GLU A 37 1.58 -0.86 25.97
C GLU A 37 3.02 -1.09 25.58
N ARG A 38 3.89 -1.09 26.60
CA ARG A 38 5.34 -1.28 26.46
C ARG A 38 5.72 -2.45 27.37
N PRO A 39 5.74 -3.67 26.80
CA PRO A 39 6.05 -4.81 27.67
C PRO A 39 7.49 -4.76 28.20
N ASP A 40 7.68 -5.35 29.35
CA ASP A 40 9.01 -5.39 29.97
C ASP A 40 9.65 -6.72 29.64
N PHE A 41 10.75 -6.66 28.91
CA PHE A 41 11.51 -7.84 28.58
C PHE A 41 12.86 -7.88 29.32
N THR A 42 13.05 -7.10 30.34
CA THR A 42 14.37 -6.97 30.96
C THR A 42 14.81 -8.28 31.60
N ASP A 43 13.89 -9.10 32.09
CA ASP A 43 14.28 -10.39 32.68
C ASP A 43 14.86 -11.31 31.67
N LEU A 44 14.27 -11.30 30.49
CA LEU A 44 14.67 -12.17 29.40
C LEU A 44 16.02 -11.77 28.86
N ASP A 45 16.20 -10.48 28.74
CA ASP A 45 17.48 -9.96 28.18
C ASP A 45 18.68 -10.30 29.06
N ALA A 46 18.44 -10.36 30.38
CA ALA A 46 19.46 -10.70 31.36
C ALA A 46 19.83 -12.19 31.34
N ARG A 47 19.17 -13.02 30.56
CA ARG A 47 19.46 -14.46 30.57
C ARG A 47 20.53 -14.89 29.53
N ARG A 48 21.72 -14.48 29.85
CA ARG A 48 22.95 -14.82 29.09
C ARG A 48 23.20 -16.28 28.80
N ASP A 49 22.70 -17.14 29.69
CA ASP A 49 22.78 -18.57 29.55
C ASP A 49 22.07 -19.05 28.32
N LEU A 50 21.12 -18.24 27.82
CA LEU A 50 20.37 -18.66 26.65
C LEU A 50 20.82 -17.99 25.36
N GLY A 51 21.92 -17.24 25.42
CA GLY A 51 22.45 -16.60 24.26
C GLY A 51 22.98 -15.22 24.59
N GLN A 52 23.78 -14.67 23.67
CA GLN A 52 24.37 -13.35 23.88
C GLN A 52 23.32 -12.19 23.93
N LEU A 53 22.14 -12.41 23.39
CA LEU A 53 21.05 -11.40 23.50
C LEU A 53 19.96 -11.90 24.45
N GLY A 54 20.30 -12.82 25.32
CA GLY A 54 19.37 -13.38 26.27
C GLY A 54 18.44 -14.38 25.67
N ASP A 55 17.28 -14.49 26.35
CA ASP A 55 16.26 -15.43 25.99
C ASP A 55 15.39 -14.87 24.88
N VAL A 56 15.92 -14.86 23.67
CA VAL A 56 15.19 -14.29 22.54
C VAL A 56 13.96 -15.10 22.22
N ARG A 57 14.03 -16.43 22.29
N ARG A 57 14.01 -16.43 22.27
CA ARG A 57 12.86 -17.25 22.12
CA ARG A 57 12.79 -17.20 22.04
C ARG A 57 11.77 -16.80 23.11
C ARG A 57 11.74 -16.82 23.12
N GLY A 58 12.20 -16.53 24.34
CA GLY A 58 11.29 -16.08 25.42
C GLY A 58 10.67 -14.74 25.10
N ARG A 59 11.48 -13.87 24.50
CA ARG A 59 10.99 -12.57 24.05
C ARG A 59 9.96 -12.72 22.99
N LEU A 60 10.24 -13.58 22.02
CA LEU A 60 9.30 -13.85 20.96
C LEU A 60 7.98 -14.41 21.51
N GLN A 61 8.08 -15.37 22.43
CA GLN A 61 6.86 -15.99 23.00
C GLN A 61 6.08 -14.99 23.81
N ARG A 62 6.75 -14.16 24.59
CA ARG A 62 6.03 -13.20 25.42
C ARG A 62 5.29 -12.20 24.53
N LEU A 63 5.97 -11.63 23.54
CA LEU A 63 5.31 -10.71 22.63
C LEU A 63 4.18 -11.36 21.86
N LEU A 64 4.36 -12.63 21.40
CA LEU A 64 3.32 -13.33 20.68
C LEU A 64 2.04 -13.40 21.54
N GLU A 65 2.22 -13.72 22.81
N GLU A 65 2.18 -13.80 22.80
CA GLU A 65 1.07 -13.88 23.70
CA GLU A 65 0.97 -13.90 23.67
C GLU A 65 0.35 -12.57 23.89
C GLU A 65 0.31 -12.54 23.84
N ILE A 66 1.10 -11.49 24.07
CA ILE A 66 0.54 -10.19 24.22
C ILE A 66 -0.18 -9.69 22.96
N ALA A 67 0.44 -9.94 21.80
CA ALA A 67 -0.20 -9.52 20.55
C ALA A 67 -1.45 -10.29 20.25
N ARG A 68 -1.40 -11.60 20.46
CA ARG A 68 -2.56 -12.45 20.23
C ARG A 68 -3.73 -11.96 21.06
N ALA A 69 -3.49 -11.70 22.35
CA ALA A 69 -4.54 -11.18 23.22
C ALA A 69 -5.15 -9.89 22.66
N ALA A 70 -4.28 -9.02 22.19
CA ALA A 70 -4.71 -7.77 21.66
C ALA A 70 -5.55 -7.92 20.38
N THR A 71 -5.18 -8.87 19.53
CA THR A 71 -5.90 -9.07 18.26
C THR A 71 -7.28 -9.64 18.56
N GLU A 72 -7.53 -10.17 19.76
CA GLU A 72 -8.88 -10.66 20.12
C GLU A 72 -9.78 -9.53 20.57
N LYS A 73 -9.29 -8.30 20.57
CA LYS A 73 -10.02 -7.10 20.90
C LYS A 73 -10.10 -6.11 19.73
N GLY A 74 -9.21 -6.22 18.75
CA GLY A 74 -9.19 -5.25 17.68
C GLY A 74 -7.84 -5.20 16.98
N PRO A 75 -7.65 -4.25 16.08
CA PRO A 75 -6.39 -4.21 15.32
C PRO A 75 -5.20 -3.93 16.24
N VAL A 76 -4.07 -4.46 15.79
CA VAL A 76 -2.78 -4.31 16.51
C VAL A 76 -1.70 -3.87 15.55
N VAL A 77 -0.97 -2.84 15.98
CA VAL A 77 0.27 -2.37 15.37
C VAL A 77 1.43 -2.77 16.27
N LEU A 78 2.47 -3.40 15.68
CA LEU A 78 3.67 -3.77 16.44
C LEU A 78 4.78 -2.85 16.04
N ALA A 79 5.54 -2.40 17.04
CA ALA A 79 6.66 -1.48 16.80
C ALA A 79 7.75 -1.84 17.71
N GLY A 80 8.96 -1.44 17.36
CA GLY A 80 10.07 -1.68 18.25
C GLY A 80 11.31 -0.91 17.89
N SER A 81 12.34 -1.16 18.69
CA SER A 81 13.69 -0.67 18.44
C SER A 81 14.66 -1.85 18.53
N SER A 82 15.54 -2.01 17.52
CA SER A 82 16.64 -3.01 17.53
C SER A 82 16.08 -4.42 17.85
N LEU A 83 16.52 -5.07 18.95
CA LEU A 83 16.00 -6.40 19.26
C LEU A 83 14.46 -6.40 19.31
N GLY A 84 13.91 -5.28 19.78
CA GLY A 84 12.45 -5.12 19.82
C GLY A 84 11.85 -5.11 18.45
N SER A 85 12.55 -4.54 17.47
CA SER A 85 12.09 -4.61 16.10
C SER A 85 12.12 -6.02 15.53
N TYR A 86 13.20 -6.72 15.85
CA TYR A 86 13.34 -8.08 15.39
C TYR A 86 12.16 -8.90 15.89
N ILE A 87 11.82 -8.80 17.16
CA ILE A 87 10.72 -9.68 17.62
C ILE A 87 9.33 -9.21 17.12
N ALA A 88 9.15 -7.90 16.91
CA ALA A 88 7.91 -7.39 16.37
C ALA A 88 7.71 -7.95 14.99
N ALA A 89 8.75 -7.90 14.18
CA ALA A 89 8.68 -8.45 12.84
C ALA A 89 8.38 -9.95 12.83
N GLN A 90 9.06 -10.71 13.63
CA GLN A 90 8.84 -12.16 13.66
C GLN A 90 7.40 -12.48 14.14
N VAL A 91 6.92 -11.73 15.13
CA VAL A 91 5.58 -11.95 15.67
C VAL A 91 4.53 -11.62 14.66
N SER A 92 4.76 -10.65 13.74
CA SER A 92 3.76 -10.34 12.74
C SER A 92 3.43 -11.53 11.81
N LEU A 93 4.37 -12.47 11.73
CA LEU A 93 4.28 -13.71 10.95
C LEU A 93 3.33 -14.71 11.61
N GLN A 94 3.01 -14.48 12.89
CA GLN A 94 2.20 -15.41 13.69
C GLN A 94 0.85 -14.93 14.18
N VAL A 95 0.59 -13.62 14.07
N VAL A 95 0.57 -13.64 14.08
CA VAL A 95 -0.64 -13.01 14.49
CA VAL A 95 -0.67 -13.04 14.52
C VAL A 95 -1.10 -12.03 13.38
C VAL A 95 -1.09 -12.00 13.49
N PRO A 96 -2.40 -11.80 13.21
CA PRO A 96 -2.76 -10.81 12.17
C PRO A 96 -2.38 -9.42 12.68
N THR A 97 -1.49 -8.77 11.94
CA THR A 97 -0.89 -7.50 12.32
C THR A 97 -1.28 -6.48 11.30
N ARG A 98 -1.73 -5.32 11.78
CA ARG A 98 -2.21 -4.25 10.94
C ARG A 98 -1.09 -3.56 10.16
N ALA A 99 0.03 -3.36 10.87
CA ALA A 99 1.21 -2.62 10.34
C ALA A 99 2.35 -2.80 11.30
N LEU A 100 3.54 -2.48 10.79
N LEU A 100 3.56 -2.56 10.78
CA LEU A 100 4.79 -2.72 11.51
CA LEU A 100 4.80 -2.67 11.56
C LEU A 100 5.71 -1.50 11.43
C LEU A 100 5.61 -1.40 11.45
N PHE A 101 6.20 -1.02 12.57
CA PHE A 101 7.10 0.12 12.65
C PHE A 101 8.40 -0.35 13.27
N LEU A 102 9.48 -0.26 12.51
CA LEU A 102 10.77 -0.81 12.97
C LEU A 102 11.83 0.23 13.01
N VAL A 104 15.82 0.77 13.64
CA VAL A 104 17.15 0.06 13.60
C VAL A 104 16.97 -1.46 13.73
N PRO A 105 16.21 -2.09 12.81
CA PRO A 105 16.01 -3.54 12.88
C PRO A 105 17.24 -4.34 12.49
N PRO A 106 17.63 -5.32 13.30
CA PRO A 106 18.71 -6.19 12.84
C PRO A 106 18.19 -7.18 11.81
N THR A 107 18.95 -7.44 10.77
CA THR A 107 18.54 -8.36 9.74
C THR A 107 19.05 -9.78 10.06
N LYS A 108 20.08 -9.90 10.90
CA LYS A 108 20.66 -11.19 11.25
C LYS A 108 20.58 -11.37 12.76
N GLY A 110 22.25 -14.28 14.62
CA GLY A 110 23.10 -15.44 14.91
C GLY A 110 22.44 -16.72 14.44
N PRO A 111 22.27 -17.69 15.36
CA PRO A 111 21.61 -18.92 14.96
C PRO A 111 20.09 -18.84 14.86
N LEU A 112 19.48 -17.70 15.21
CA LEU A 112 18.03 -17.55 15.09
C LEU A 112 17.65 -17.12 13.64
N PRO A 113 16.38 -17.29 13.28
CA PRO A 113 15.98 -16.91 11.93
C PRO A 113 16.28 -15.45 11.56
N ALA A 114 16.64 -15.27 10.30
CA ALA A 114 16.84 -13.94 9.73
C ALA A 114 15.53 -13.16 9.85
N LEU A 115 15.70 -11.85 9.86
CA LEU A 115 14.56 -10.96 9.95
C LEU A 115 13.59 -11.23 8.84
N ASP A 116 12.30 -11.32 9.19
CA ASP A 116 11.21 -11.46 8.22
C ASP A 116 9.99 -10.82 8.86
N ALA A 117 8.97 -10.61 8.06
CA ALA A 117 7.78 -9.92 8.47
C ALA A 117 6.60 -10.29 7.57
N ALA A 118 5.40 -10.10 8.11
CA ALA A 118 4.17 -10.26 7.33
C ALA A 118 4.14 -9.23 6.23
N ALA A 119 3.36 -9.52 5.21
CA ALA A 119 3.21 -8.68 4.03
C ALA A 119 2.16 -7.60 4.26
N VAL A 120 2.40 -6.77 5.25
CA VAL A 120 1.59 -5.67 5.68
C VAL A 120 2.40 -4.36 5.59
N PRO A 121 1.78 -3.19 5.78
CA PRO A 121 2.59 -1.94 5.73
C PRO A 121 3.75 -1.99 6.75
N ILE A 122 4.95 -1.71 6.26
CA ILE A 122 6.17 -1.66 7.08
C ILE A 122 6.81 -0.31 6.88
N SER A 123 7.14 0.36 7.98
CA SER A 123 7.86 1.62 7.97
C SER A 123 9.07 1.44 8.87
N ILE A 124 10.25 1.83 8.36
CA ILE A 124 11.52 1.60 9.02
C ILE A 124 12.21 2.94 9.17
N VAL A 125 12.82 3.14 10.33
CA VAL A 125 13.78 4.26 10.56
C VAL A 125 15.12 3.62 10.86
N HIS A 126 16.13 3.89 10.01
CA HIS A 126 17.48 3.38 10.28
C HIS A 126 18.50 4.47 10.20
N ALA A 127 19.60 4.21 10.90
CA ALA A 127 20.75 5.14 11.00
C ALA A 127 21.78 4.88 9.91
N TRP A 128 22.14 5.92 9.16
CA TRP A 128 23.19 5.78 8.19
C TRP A 128 24.47 5.22 8.83
N HIS A 129 24.79 5.63 10.04
CA HIS A 129 26.05 5.30 10.70
C HIS A 129 25.92 4.23 11.75
N ASP A 130 24.92 3.36 11.63
CA ASP A 130 24.74 2.31 12.57
C ASP A 130 26.01 1.43 12.52
N GLU A 131 26.67 1.30 13.67
N GLU A 131 26.62 1.24 13.70
CA GLU A 131 27.89 0.48 13.78
CA GLU A 131 27.87 0.47 13.85
C GLU A 131 27.61 -1.01 13.88
C GLU A 131 27.62 -1.01 14.04
N LEU A 132 26.39 -1.38 14.31
CA LEU A 132 26.00 -2.78 14.55
C LEU A 132 25.24 -3.48 13.42
N ILE A 133 24.41 -2.70 12.73
CA ILE A 133 23.58 -3.19 11.67
C ILE A 133 23.90 -2.29 10.50
N PRO A 134 24.77 -2.77 9.61
CA PRO A 134 25.12 -1.93 8.44
C PRO A 134 23.89 -1.43 7.70
N ALA A 135 23.89 -0.16 7.35
CA ALA A 135 22.74 0.41 6.63
C ALA A 135 22.42 -0.39 5.38
N ALA A 136 23.41 -0.87 4.63
CA ALA A 136 23.19 -1.62 3.42
C ALA A 136 22.34 -2.87 3.65
N ASP A 137 22.47 -3.46 4.82
CA ASP A 137 21.74 -4.68 5.15
C ASP A 137 20.25 -4.37 5.27
N VAL A 138 19.92 -3.24 5.93
CA VAL A 138 18.50 -2.81 6.08
C VAL A 138 17.96 -2.27 4.78
N ILE A 139 18.76 -1.54 4.01
CA ILE A 139 18.38 -1.09 2.70
C ILE A 139 18.01 -2.32 1.85
N ALA A 140 18.82 -3.40 1.85
CA ALA A 140 18.50 -4.58 1.02
C ALA A 140 17.21 -5.27 1.48
N TRP A 141 17.01 -5.38 2.79
CA TRP A 141 15.84 -6.03 3.34
C TRP A 141 14.62 -5.24 2.98
N ALA A 142 14.68 -3.91 3.15
CA ALA A 142 13.57 -3.07 2.81
C ALA A 142 13.27 -3.04 1.31
N GLN A 143 14.31 -2.98 0.49
CA GLN A 143 14.17 -2.94 -0.99
C GLN A 143 13.40 -4.18 -1.50
N ALA A 144 13.70 -5.33 -0.90
CA ALA A 144 13.08 -6.60 -1.34
C ALA A 144 11.58 -6.59 -1.15
N ARG A 145 11.13 -5.82 -0.16
CA ARG A 145 9.75 -5.75 0.27
C ARG A 145 9.08 -4.39 -0.04
N SER A 146 9.84 -3.51 -0.75
CA SER A 146 9.44 -2.13 -0.98
C SER A 146 8.90 -1.50 0.31
N ALA A 147 9.54 -1.74 1.48
CA ALA A 147 9.10 -1.16 2.74
C ALA A 147 9.51 0.28 2.77
N ARG A 148 8.70 1.16 3.36
N ARG A 148 8.74 1.08 3.49
CA ARG A 148 9.07 2.56 3.50
CA ARG A 148 9.02 2.49 3.69
C ARG A 148 10.31 2.57 4.40
C ARG A 148 10.31 2.62 4.51
N LEU A 149 11.29 3.36 3.99
CA LEU A 149 12.59 3.44 4.69
C LEU A 149 13.03 4.86 4.79
N LEU A 150 13.27 5.27 6.04
CA LEU A 150 13.86 6.61 6.37
C LEU A 150 15.23 6.41 6.98
N LEU A 151 16.21 6.97 6.30
CA LEU A 151 17.61 6.94 6.72
C LEU A 151 17.95 8.32 7.23
N VAL A 152 18.52 8.31 8.43
CA VAL A 152 18.90 9.54 9.11
C VAL A 152 20.38 9.55 9.51
N ASP A 153 20.89 10.76 9.62
CA ASP A 153 22.31 10.98 10.00
C ASP A 153 22.52 10.77 11.47
N ASP A 154 22.71 9.52 11.86
CA ASP A 154 22.79 9.18 13.28
C ASP A 154 23.45 7.80 13.35
N GLY A 155 23.71 7.33 14.57
CA GLY A 155 24.11 5.98 14.84
C GLY A 155 22.96 5.12 15.35
N HIS A 156 23.29 3.93 15.79
CA HIS A 156 22.31 2.95 16.19
C HIS A 156 21.30 3.40 17.23
N ARG A 157 21.72 4.26 18.17
CA ARG A 157 20.81 4.68 19.22
C ARG A 157 19.72 5.66 18.74
N LEU A 158 19.90 6.25 17.58
CA LEU A 158 19.00 7.25 17.02
C LEU A 158 18.76 8.37 18.05
N GLY A 159 19.77 8.66 18.86
CA GLY A 159 19.59 9.62 19.98
C GLY A 159 19.27 11.04 19.60
N ALA A 160 19.61 11.42 18.39
CA ALA A 160 19.30 12.74 17.88
C ALA A 160 18.09 12.75 16.94
N HIS A 161 17.39 11.61 16.82
CA HIS A 161 16.24 11.50 15.89
C HIS A 161 15.03 10.90 16.53
N VAL A 162 14.81 11.15 17.78
CA VAL A 162 13.64 10.62 18.46
C VAL A 162 12.40 11.30 17.89
N GLN A 163 12.46 12.60 17.62
CA GLN A 163 11.30 13.32 17.03
C GLN A 163 11.05 12.85 15.61
N ALA A 164 12.09 12.68 14.79
CA ALA A 164 11.93 12.19 13.41
C ALA A 164 11.31 10.80 13.42
N ALA A 165 11.75 9.95 14.32
CA ALA A 165 11.18 8.59 14.42
C ALA A 165 9.73 8.61 14.88
N SER A 166 9.43 9.51 15.82
CA SER A 166 8.06 9.68 16.31
C SER A 166 7.14 10.14 15.18
N ARG A 167 7.58 11.07 14.36
CA ARG A 167 6.82 11.57 13.26
C ARG A 167 6.59 10.46 12.23
N ALA A 168 7.61 9.62 11.95
CA ALA A 168 7.45 8.52 10.99
C ALA A 168 6.40 7.56 11.54
N PHE A 169 6.43 7.26 12.84
CA PHE A 169 5.41 6.39 13.41
C PHE A 169 4.00 6.99 13.29
N ALA A 170 3.90 8.28 13.58
CA ALA A 170 2.63 8.95 13.45
C ALA A 170 2.11 8.85 12.04
N GLU A 171 2.97 9.04 11.06
N GLU A 171 2.96 9.04 11.05
CA GLU A 171 2.57 8.95 9.68
CA GLU A 171 2.49 8.96 9.68
C GLU A 171 2.05 7.57 9.29
C GLU A 171 1.96 7.56 9.41
N LEU A 172 2.67 6.55 9.88
CA LEU A 172 2.21 5.17 9.70
C LEU A 172 0.83 5.04 10.33
N LEU A 173 0.66 5.41 11.57
CA LEU A 173 -0.66 5.25 12.23
C LEU A 173 -1.73 6.04 11.50
N GLN A 174 -1.39 7.21 11.01
CA GLN A 174 -2.41 8.06 10.36
C GLN A 174 -2.87 7.47 9.02
N SER A 175 -2.13 6.51 8.46
CA SER A 175 -2.46 5.92 7.18
C SER A 175 -3.43 4.75 7.32
N LEU A 176 -3.72 4.33 8.54
CA LEU A 176 -4.41 3.04 8.75
C LEU A 176 -5.90 3.18 8.90
N GLY B 1 3.25 39.87 4.42
CA GLY B 1 3.05 39.69 5.89
C GLY B 1 4.28 39.01 6.46
N SER B 3 6.75 36.18 7.73
CA SER B 3 6.98 34.85 7.25
C SER B 3 8.11 34.21 7.97
N ARG B 4 8.15 32.89 7.85
CA ARG B 4 9.25 32.08 8.38
C ARG B 4 10.48 32.12 7.47
N GLY B 5 10.29 32.51 6.22
CA GLY B 5 11.36 32.57 5.22
C GLY B 5 10.76 32.32 3.86
N HIS B 6 11.63 32.17 2.86
CA HIS B 6 11.25 32.01 1.46
C HIS B 6 11.76 30.72 0.87
N CYS B 7 10.94 30.14 0.01
CA CYS B 7 11.27 28.93 -0.73
C CYS B 7 11.13 29.17 -2.24
N ILE B 8 12.05 28.61 -3.01
CA ILE B 8 11.94 28.59 -4.45
C ILE B 8 11.71 27.11 -4.79
N LEU B 9 10.63 26.79 -5.52
CA LEU B 9 10.20 25.41 -5.85
C LEU B 9 10.37 25.18 -7.33
N ALA B 10 11.21 24.25 -7.76
CA ALA B 10 11.51 24.08 -9.16
C ALA B 10 10.86 22.80 -9.72
N HIS B 11 9.98 22.96 -10.71
CA HIS B 11 9.20 21.90 -11.27
C HIS B 11 10.03 20.94 -12.07
N GLY B 12 9.43 19.76 -12.32
CA GLY B 12 10.09 18.74 -13.07
C GLY B 12 10.07 18.96 -14.58
N PHE B 13 10.58 17.99 -15.33
CA PHE B 13 10.63 18.12 -16.82
C PHE B 13 9.26 18.24 -17.48
N GLU B 14 9.05 19.37 -18.19
CA GLU B 14 7.83 19.75 -18.91
C GLU B 14 6.61 20.06 -18.06
N SER B 15 6.65 19.82 -16.73
CA SER B 15 5.41 19.87 -15.96
C SER B 15 4.86 21.24 -15.63
N GLY B 16 5.72 22.24 -15.61
CA GLY B 16 5.27 23.60 -15.39
C GLY B 16 5.02 23.98 -13.96
N PRO B 17 4.82 25.26 -13.72
CA PRO B 17 4.69 25.79 -12.35
C PRO B 17 3.43 25.41 -11.59
N ASP B 18 2.41 24.91 -12.32
CA ASP B 18 1.17 24.41 -11.72
C ASP B 18 1.13 22.90 -11.56
N ALA B 19 2.27 22.27 -11.74
CA ALA B 19 2.38 20.84 -11.68
C ALA B 19 2.01 20.30 -10.30
N LEU B 20 1.47 19.08 -10.28
CA LEU B 20 1.01 18.47 -9.04
C LEU B 20 1.97 18.57 -7.85
N LYS B 21 3.22 18.17 -8.05
CA LYS B 21 4.15 18.10 -6.88
C LYS B 21 4.70 19.44 -6.40
N VAL B 22 5.04 20.32 -7.33
CA VAL B 22 5.49 21.66 -6.81
C VAL B 22 4.30 22.42 -6.26
N THR B 23 3.08 22.19 -6.77
CA THR B 23 1.88 22.80 -6.16
C THR B 23 1.68 22.36 -4.68
N ALA B 24 1.93 21.07 -4.45
CA ALA B 24 1.84 20.49 -3.12
C ALA B 24 2.89 21.11 -2.19
N LEU B 25 4.09 21.31 -2.70
CA LEU B 25 5.12 21.97 -1.88
C LEU B 25 4.75 23.43 -1.56
N ALA B 26 4.09 24.12 -2.51
CA ALA B 26 3.64 25.50 -2.31
C ALA B 26 2.55 25.50 -1.26
N GLU B 27 1.67 24.50 -1.28
N GLU B 27 1.67 24.51 -1.25
CA GLU B 27 0.63 24.39 -0.26
CA GLU B 27 0.61 24.46 -0.23
C GLU B 27 1.26 24.32 1.13
C GLU B 27 1.20 24.26 1.18
N VAL B 28 2.27 23.47 1.29
CA VAL B 28 2.95 23.32 2.58
C VAL B 28 3.60 24.63 3.05
N ALA B 29 4.34 25.26 2.15
CA ALA B 29 4.97 26.55 2.45
C ALA B 29 3.92 27.53 2.92
N GLU B 30 2.84 27.66 2.16
CA GLU B 30 1.78 28.59 2.52
C GLU B 30 1.20 28.29 3.91
N ARG B 31 0.86 27.02 4.16
CA ARG B 31 0.27 26.61 5.44
C ARG B 31 1.21 26.92 6.59
N LEU B 32 2.50 26.70 6.40
CA LEU B 32 3.44 26.91 7.48
C LEU B 32 3.99 28.33 7.64
N GLY B 33 3.56 29.23 6.76
CA GLY B 33 3.93 30.64 6.91
C GLY B 33 5.20 31.08 6.19
N TRP B 34 5.59 30.32 5.18
CA TRP B 34 6.71 30.65 4.35
C TRP B 34 6.19 31.23 3.04
N THR B 35 6.96 32.14 2.45
CA THR B 35 6.66 32.60 1.08
C THR B 35 7.27 31.58 0.10
N HIS B 36 6.77 31.59 -1.11
CA HIS B 36 7.15 30.63 -2.12
C HIS B 36 6.97 31.18 -3.49
N GLU B 37 7.75 30.65 -4.42
CA GLU B 37 7.61 30.95 -5.83
C GLU B 37 7.96 29.70 -6.63
N ARG B 38 7.35 29.62 -7.81
CA ARG B 38 7.47 28.48 -8.73
C ARG B 38 7.79 29.01 -10.10
N PRO B 39 9.07 29.07 -10.43
CA PRO B 39 9.44 29.57 -11.74
C PRO B 39 9.01 28.62 -12.84
N ASP B 40 8.82 29.17 -14.01
CA ASP B 40 8.39 28.39 -15.18
C ASP B 40 9.61 28.17 -16.02
N PHE B 41 9.96 26.90 -16.31
CA PHE B 41 11.12 26.51 -17.07
C PHE B 41 10.63 25.79 -18.36
N THR B 42 9.33 25.81 -18.66
CA THR B 42 8.77 24.98 -19.75
C THR B 42 9.32 25.34 -21.16
N ASP B 43 9.67 26.60 -21.38
CA ASP B 43 10.30 27.00 -22.65
C ASP B 43 11.65 26.36 -22.84
N LEU B 44 12.41 26.27 -21.76
CA LEU B 44 13.73 25.63 -21.78
C LEU B 44 13.59 24.11 -21.89
N ASP B 45 12.63 23.53 -21.19
CA ASP B 45 12.40 22.10 -21.31
C ASP B 45 11.98 21.68 -22.72
N ALA B 46 11.31 22.59 -23.43
CA ALA B 46 10.87 22.35 -24.81
C ALA B 46 11.98 22.29 -25.83
N ARG B 47 13.21 22.68 -25.47
CA ARG B 47 14.36 22.71 -26.39
C ARG B 47 15.00 21.33 -26.61
N ARG B 48 14.25 20.47 -27.27
CA ARG B 48 14.66 19.08 -27.50
C ARG B 48 15.87 19.05 -28.39
N ASP B 49 16.06 20.11 -29.19
CA ASP B 49 17.26 20.19 -30.00
C ASP B 49 18.48 20.21 -29.14
N LEU B 50 18.38 20.80 -27.95
CA LEU B 50 19.51 20.89 -27.06
C LEU B 50 19.72 19.67 -26.08
N GLY B 51 18.77 18.76 -25.99
CA GLY B 51 18.87 17.64 -24.99
C GLY B 51 17.56 16.93 -24.81
N GLN B 52 17.61 15.65 -24.36
CA GLN B 52 16.38 14.91 -24.14
C GLN B 52 15.57 15.64 -23.06
N LEU B 53 16.30 16.30 -22.16
CA LEU B 53 15.66 17.06 -21.06
C LEU B 53 15.66 18.58 -21.31
N GLY B 54 15.78 18.94 -22.57
CA GLY B 54 15.80 20.35 -22.95
C GLY B 54 17.07 21.08 -22.59
N ASP B 55 16.96 22.40 -22.44
CA ASP B 55 18.10 23.25 -22.17
C ASP B 55 18.41 23.33 -20.68
N VAL B 56 19.02 22.28 -20.15
CA VAL B 56 19.31 22.24 -18.69
C VAL B 56 20.30 23.28 -18.20
N ARG B 57 21.32 23.61 -19.02
CA ARG B 57 22.21 24.73 -18.67
C ARG B 57 21.47 26.11 -18.48
N GLY B 58 20.53 26.37 -19.39
CA GLY B 58 19.67 27.53 -19.33
C GLY B 58 18.77 27.50 -18.10
N ARG B 59 18.32 26.29 -17.78
CA ARG B 59 17.47 26.06 -16.62
C ARG B 59 18.23 26.44 -15.34
N LEU B 60 19.48 25.97 -15.24
CA LEU B 60 20.42 26.31 -14.16
C LEU B 60 20.61 27.80 -14.01
N GLN B 61 20.86 28.46 -15.12
CA GLN B 61 21.10 29.89 -15.10
C GLN B 61 19.90 30.67 -14.69
N ARG B 62 18.73 30.27 -15.17
CA ARG B 62 17.51 30.95 -14.80
C ARG B 62 17.26 30.80 -13.31
N LEU B 63 17.41 29.60 -12.75
CA LEU B 63 17.20 29.46 -11.33
C LEU B 63 18.23 30.22 -10.49
N LEU B 64 19.47 30.24 -10.96
CA LEU B 64 20.50 31.00 -10.28
C LEU B 64 20.13 32.46 -10.17
N GLU B 65 19.65 33.04 -11.25
CA GLU B 65 19.25 34.44 -11.23
C GLU B 65 18.08 34.70 -10.30
N ILE B 66 17.09 33.79 -10.29
CA ILE B 66 15.96 33.90 -9.39
C ILE B 66 16.42 33.79 -7.96
N ALA B 67 17.33 32.86 -7.66
CA ALA B 67 17.80 32.66 -6.30
C ALA B 67 18.65 33.82 -5.81
N ARG B 68 19.46 34.38 -6.68
CA ARG B 68 20.22 35.59 -6.31
C ARG B 68 19.28 36.72 -5.89
N ALA B 69 18.18 36.89 -6.63
CA ALA B 69 17.19 37.90 -6.27
C ALA B 69 16.52 37.61 -4.93
N ALA B 70 16.13 36.36 -4.71
CA ALA B 70 15.49 36.03 -3.45
C ALA B 70 16.44 36.21 -2.24
N THR B 71 17.71 35.90 -2.39
CA THR B 71 18.67 35.96 -1.26
C THR B 71 18.97 37.42 -0.84
N GLU B 72 18.37 38.38 -1.52
CA GLU B 72 18.39 39.76 -1.04
C GLU B 72 17.61 39.86 0.27
N LYS B 73 16.81 38.83 0.58
CA LYS B 73 16.01 38.74 1.81
C LYS B 73 16.55 37.72 2.77
N GLY B 74 17.75 37.20 2.51
CA GLY B 74 18.36 36.21 3.38
C GLY B 74 18.40 34.82 2.75
N PRO B 75 19.04 33.87 3.45
CA PRO B 75 19.17 32.50 2.91
C PRO B 75 17.79 31.93 2.52
N VAL B 76 17.73 31.30 1.37
CA VAL B 76 16.52 30.76 0.78
C VAL B 76 16.50 29.23 0.89
N VAL B 77 15.30 28.64 0.97
CA VAL B 77 15.15 27.20 0.86
C VAL B 77 14.92 26.90 -0.63
N LEU B 78 15.64 25.91 -1.14
CA LEU B 78 15.52 25.45 -2.52
C LEU B 78 14.92 24.04 -2.52
N ALA B 79 13.86 23.85 -3.27
CA ALA B 79 13.20 22.54 -3.37
C ALA B 79 12.92 22.24 -4.82
N GLY B 80 12.93 20.97 -5.16
CA GLY B 80 12.61 20.61 -6.50
C GLY B 80 12.00 19.24 -6.64
N SER B 81 11.58 18.98 -7.85
CA SER B 81 11.12 17.65 -8.24
C SER B 81 11.89 17.25 -9.48
N SER B 82 12.47 16.04 -9.53
CA SER B 82 13.06 15.47 -10.75
C SER B 82 14.14 16.45 -11.29
N LEU B 83 13.99 16.87 -12.54
CA LEU B 83 14.93 17.81 -13.13
C LEU B 83 15.08 19.08 -12.28
N GLY B 84 13.99 19.56 -11.67
CA GLY B 84 14.03 20.69 -10.76
C GLY B 84 14.93 20.44 -9.54
N SER B 85 14.98 19.19 -9.03
CA SER B 85 15.90 18.85 -7.94
C SER B 85 17.37 18.98 -8.32
N TYR B 86 17.69 18.53 -9.53
CA TYR B 86 19.03 18.59 -10.00
C TYR B 86 19.48 20.06 -10.04
N ILE B 87 18.64 20.92 -10.60
CA ILE B 87 19.06 22.36 -10.68
C ILE B 87 19.06 23.07 -9.33
N ALA B 88 18.14 22.71 -8.44
CA ALA B 88 18.16 23.29 -7.10
C ALA B 88 19.42 22.98 -6.34
N ALA B 89 19.84 21.71 -6.40
CA ALA B 89 21.09 21.26 -5.80
C ALA B 89 22.25 22.01 -6.36
N GLN B 90 22.36 22.07 -7.67
CA GLN B 90 23.51 22.76 -8.26
C GLN B 90 23.51 24.24 -7.85
N VAL B 91 22.35 24.89 -7.85
CA VAL B 91 22.32 26.33 -7.50
C VAL B 91 22.67 26.58 -6.07
N SER B 92 22.42 25.60 -5.20
CA SER B 92 22.71 25.77 -3.81
C SER B 92 24.18 26.07 -3.56
N LEU B 93 25.05 25.63 -4.44
CA LEU B 93 26.46 25.87 -4.34
C LEU B 93 26.83 27.34 -4.64
N GLN B 94 25.92 28.06 -5.27
CA GLN B 94 26.20 29.43 -5.72
C GLN B 94 25.47 30.55 -4.98
N VAL B 95 24.55 30.27 -4.07
CA VAL B 95 23.85 31.23 -3.26
C VAL B 95 23.69 30.68 -1.82
N PRO B 96 23.53 31.56 -0.82
CA PRO B 96 23.31 31.11 0.56
C PRO B 96 21.96 30.35 0.61
N THR B 97 22.04 29.07 0.97
CA THR B 97 20.89 28.18 0.99
C THR B 97 20.66 27.71 2.41
N ARG B 98 19.45 27.84 2.89
CA ARG B 98 19.06 27.45 4.21
C ARG B 98 18.87 25.92 4.30
N ALA B 99 18.34 25.31 3.22
CA ALA B 99 18.04 23.88 3.16
C ALA B 99 17.69 23.54 1.72
N LEU B 100 17.77 22.24 1.39
CA LEU B 100 17.46 21.68 0.09
C LEU B 100 16.53 20.52 0.28
N PHE B 101 15.43 20.55 -0.43
CA PHE B 101 14.48 19.46 -0.42
C PHE B 101 14.43 18.92 -1.85
N LEU B 102 14.78 17.65 -2.03
CA LEU B 102 14.86 17.03 -3.33
C LEU B 102 13.93 15.82 -3.52
N VAL B 104 12.98 12.79 -6.07
CA VAL B 104 13.53 11.98 -7.17
C VAL B 104 14.62 12.73 -7.92
N PRO B 105 15.73 13.02 -7.25
CA PRO B 105 16.82 13.76 -7.92
C PRO B 105 17.66 12.91 -8.86
N PRO B 106 17.84 13.41 -10.12
CA PRO B 106 18.79 12.85 -11.03
C PRO B 106 20.16 12.96 -10.41
N THR B 107 20.97 11.92 -10.46
CA THR B 107 22.31 11.97 -10.01
C THR B 107 23.37 12.28 -11.11
N LYS B 108 22.97 12.04 -12.34
CA LYS B 108 23.84 12.30 -13.51
C LYS B 108 23.07 13.10 -14.51
N GLY B 110 24.30 13.80 -18.13
CA GLY B 110 25.04 13.77 -19.40
C GLY B 110 26.30 14.62 -19.37
N PRO B 111 26.37 15.66 -20.25
CA PRO B 111 27.58 16.44 -20.23
C PRO B 111 27.72 17.48 -19.07
N LEU B 112 26.62 17.67 -18.31
N LEU B 112 26.64 17.68 -18.32
CA LEU B 112 26.56 18.60 -17.19
CA LEU B 112 26.62 18.61 -17.20
C LEU B 112 27.10 17.92 -15.94
C LEU B 112 27.14 17.92 -15.94
N PRO B 113 27.45 18.72 -14.92
CA PRO B 113 28.07 18.12 -13.71
C PRO B 113 27.19 17.10 -12.98
N ALA B 114 27.83 16.06 -12.44
CA ALA B 114 27.10 15.16 -11.55
C ALA B 114 26.44 15.95 -10.43
N LEU B 115 25.34 15.37 -9.92
CA LEU B 115 24.64 16.02 -8.84
C LEU B 115 25.55 16.39 -7.72
N ASP B 116 25.43 17.61 -7.19
CA ASP B 116 26.21 18.10 -6.04
C ASP B 116 25.36 19.22 -5.38
N ALA B 117 25.71 19.57 -4.16
CA ALA B 117 24.97 20.52 -3.37
C ALA B 117 25.84 21.10 -2.27
N ALA B 118 25.42 22.25 -1.77
CA ALA B 118 26.08 22.90 -0.64
C ALA B 118 25.92 22.04 0.61
N ALA B 119 26.75 22.37 1.62
CA ALA B 119 26.74 21.67 2.90
C ALA B 119 25.68 22.28 3.81
N VAL B 120 24.42 21.95 3.51
CA VAL B 120 23.24 22.45 4.16
C VAL B 120 22.35 21.27 4.50
N PRO B 121 21.34 21.46 5.31
CA PRO B 121 20.37 20.41 5.57
C PRO B 121 19.72 19.96 4.26
N ILE B 122 19.80 18.66 3.97
CA ILE B 122 19.23 18.10 2.75
C ILE B 122 18.27 16.98 3.13
N SER B 123 17.07 16.99 2.51
CA SER B 123 16.04 15.96 2.71
C SER B 123 15.58 15.53 1.34
N ILE B 124 15.65 14.23 1.09
CA ILE B 124 15.35 13.60 -0.20
C ILE B 124 14.24 12.60 -0.07
N VAL B 125 13.32 12.61 -1.02
CA VAL B 125 12.27 11.59 -1.19
C VAL B 125 12.50 10.93 -2.53
N HIS B 126 12.76 9.63 -2.50
CA HIS B 126 13.02 8.87 -3.72
C HIS B 126 12.12 7.65 -3.77
N ALA B 127 11.97 7.09 -4.95
CA ALA B 127 11.04 6.00 -5.21
C ALA B 127 11.82 4.72 -5.42
N TRP B 128 11.39 3.66 -4.75
CA TRP B 128 12.07 2.40 -4.95
C TRP B 128 12.09 1.93 -6.40
N HIS B 129 11.03 2.21 -7.10
CA HIS B 129 10.83 1.67 -8.47
C HIS B 129 11.00 2.75 -9.52
N ASP B 130 11.86 3.72 -9.23
CA ASP B 130 12.16 4.78 -10.21
C ASP B 130 12.94 4.12 -11.34
N GLU B 131 12.30 4.02 -12.53
CA GLU B 131 12.93 3.41 -13.69
C GLU B 131 14.00 4.30 -14.34
N LEU B 132 13.94 5.59 -14.10
CA LEU B 132 14.87 6.57 -14.70
C LEU B 132 16.11 6.85 -13.86
N ILE B 133 15.98 6.75 -12.52
CA ILE B 133 17.04 7.04 -11.61
C ILE B 133 17.05 5.92 -10.58
N PRO B 134 17.87 4.89 -10.80
CA PRO B 134 17.84 3.75 -9.90
C PRO B 134 17.97 4.17 -8.45
N ALA B 135 17.21 3.55 -7.58
CA ALA B 135 17.33 3.92 -6.17
C ALA B 135 18.72 3.79 -5.64
N ALA B 136 19.48 2.77 -6.08
CA ALA B 136 20.85 2.63 -5.62
C ALA B 136 21.68 3.88 -5.84
N ASP B 137 21.43 4.54 -6.96
CA ASP B 137 22.18 5.75 -7.27
C ASP B 137 21.95 6.89 -6.26
N VAL B 138 20.69 7.08 -5.91
CA VAL B 138 20.35 8.10 -4.97
C VAL B 138 20.82 7.72 -3.58
N ILE B 139 20.67 6.45 -3.22
CA ILE B 139 21.19 5.97 -1.91
C ILE B 139 22.66 6.24 -1.75
N ALA B 140 23.47 5.99 -2.80
CA ALA B 140 24.89 6.23 -2.71
C ALA B 140 25.18 7.68 -2.55
N TRP B 141 24.46 8.50 -3.32
CA TRP B 141 24.66 9.96 -3.21
C TRP B 141 24.31 10.49 -1.82
N ALA B 142 23.16 10.08 -1.28
CA ALA B 142 22.74 10.51 0.01
C ALA B 142 23.69 10.00 1.10
N GLN B 143 24.12 8.74 1.01
N GLN B 143 24.11 8.75 0.94
CA GLN B 143 25.03 8.19 2.03
CA GLN B 143 24.99 8.12 1.91
C GLN B 143 26.29 8.99 2.18
C GLN B 143 26.33 8.84 2.12
N ALA B 144 26.86 9.36 1.03
CA ALA B 144 28.14 10.08 1.04
C ALA B 144 28.08 11.36 1.84
N ARG B 145 26.91 11.99 1.91
N ARG B 145 26.90 11.95 1.91
CA ARG B 145 26.82 13.20 2.76
CA ARG B 145 26.75 13.18 2.67
C ARG B 145 25.85 13.10 3.93
C ARG B 145 25.79 13.12 3.86
N SER B 146 25.45 11.89 4.26
CA SER B 146 24.51 11.63 5.32
C SER B 146 23.18 12.40 5.10
N ALA B 147 22.73 12.59 3.85
CA ALA B 147 21.48 13.31 3.62
C ALA B 147 20.30 12.51 4.11
N ARG B 148 19.31 13.15 4.73
N ARG B 148 19.29 13.18 4.64
CA ARG B 148 18.10 12.39 5.13
CA ARG B 148 18.09 12.48 5.02
C ARG B 148 17.39 11.92 3.86
C ARG B 148 17.46 11.89 3.75
N LEU B 149 17.07 10.62 3.81
CA LEU B 149 16.50 9.97 2.64
C LEU B 149 15.32 9.13 3.04
N LEU B 150 14.20 9.41 2.36
CA LEU B 150 12.94 8.64 2.46
C LEU B 150 12.75 7.92 1.16
N LEU B 151 12.63 6.60 1.24
CA LEU B 151 12.38 5.72 0.10
C LEU B 151 10.97 5.19 0.21
N VAL B 152 10.15 5.40 -0.81
CA VAL B 152 8.74 4.99 -0.86
C VAL B 152 8.48 4.02 -1.99
N ASP B 153 7.41 3.28 -1.81
CA ASP B 153 6.96 2.28 -2.79
C ASP B 153 6.17 2.92 -3.96
N ASP B 154 6.91 3.40 -4.96
CA ASP B 154 6.34 4.16 -6.07
C ASP B 154 7.39 4.21 -7.14
N GLY B 155 7.02 4.86 -8.26
CA GLY B 155 7.93 5.16 -9.31
C GLY B 155 8.31 6.64 -9.35
N HIS B 156 8.92 7.02 -10.45
CA HIS B 156 9.50 8.36 -10.59
C HIS B 156 8.58 9.50 -10.41
N ARG B 157 7.33 9.39 -10.86
CA ARG B 157 6.43 10.50 -10.77
C ARG B 157 5.80 10.68 -9.39
N LEU B 158 6.01 9.71 -8.48
CA LEU B 158 5.50 9.81 -7.10
C LEU B 158 4.00 10.07 -7.04
N GLY B 159 3.25 9.51 -7.99
CA GLY B 159 1.84 9.75 -8.09
C GLY B 159 1.04 9.39 -6.87
N ALA B 160 1.51 8.38 -6.13
CA ALA B 160 0.82 7.90 -4.95
C ALA B 160 1.43 8.39 -3.64
N HIS B 161 2.44 9.26 -3.73
CA HIS B 161 3.19 9.71 -2.53
C HIS B 161 3.39 11.19 -2.45
N VAL B 162 2.47 11.94 -3.01
CA VAL B 162 2.54 13.41 -2.91
C VAL B 162 2.37 13.84 -1.46
N GLN B 163 1.49 13.17 -0.70
CA GLN B 163 1.29 13.51 0.69
C GLN B 163 2.53 13.19 1.53
N ALA B 164 3.14 12.03 1.33
CA ALA B 164 4.37 11.69 2.06
C ALA B 164 5.46 12.70 1.77
N ALA B 165 5.63 13.04 0.48
CA ALA B 165 6.64 14.03 0.13
C ALA B 165 6.38 15.39 0.78
N SER B 166 5.13 15.84 0.74
CA SER B 166 4.67 17.07 1.39
C SER B 166 5.01 17.07 2.85
N ARG B 167 4.78 15.99 3.55
CA ARG B 167 5.09 15.87 4.96
C ARG B 167 6.61 15.96 5.21
N ALA B 168 7.41 15.33 4.38
CA ALA B 168 8.86 15.40 4.50
C ALA B 168 9.29 16.83 4.32
N PHE B 169 8.72 17.54 3.38
CA PHE B 169 9.08 18.96 3.20
C PHE B 169 8.71 19.78 4.44
N ALA B 170 7.50 19.58 4.97
CA ALA B 170 7.06 20.25 6.19
C ALA B 170 8.06 20.00 7.34
N GLU B 171 8.49 18.74 7.48
CA GLU B 171 9.41 18.39 8.53
C GLU B 171 10.73 19.13 8.37
N LEU B 172 11.23 19.27 7.14
CA LEU B 172 12.44 20.02 6.87
C LEU B 172 12.25 21.47 7.28
N LEU B 173 11.19 22.09 6.80
CA LEU B 173 10.93 23.51 7.13
C LEU B 173 10.80 23.77 8.64
N GLN B 174 10.12 22.90 9.33
CA GLN B 174 9.90 23.05 10.79
C GLN B 174 11.20 22.89 11.59
N SER B 175 12.19 22.31 10.99
CA SER B 175 13.50 22.09 11.63
C SER B 175 14.46 23.25 11.48
N LEU B 176 14.09 24.25 10.67
CA LEU B 176 15.00 25.35 10.37
C LEU B 176 14.84 26.51 11.34
N ARG C 4 -11.35 15.80 -3.28
CA ARG C 4 -10.60 14.53 -3.11
C ARG C 4 -9.67 14.40 -4.32
N GLY C 5 -10.24 14.67 -5.49
CA GLY C 5 -9.53 14.68 -6.73
C GLY C 5 -10.49 14.60 -7.92
N HIS C 6 -9.93 14.24 -9.06
CA HIS C 6 -10.65 14.19 -10.29
C HIS C 6 -10.50 12.78 -10.87
N CYS C 7 -11.59 12.25 -11.38
CA CYS C 7 -11.61 10.97 -12.06
C CYS C 7 -11.81 11.14 -13.57
N ILE C 8 -10.98 10.51 -14.40
CA ILE C 8 -11.16 10.49 -15.83
C ILE C 8 -11.51 9.05 -16.17
N LEU C 9 -12.69 8.88 -16.76
CA LEU C 9 -13.28 7.56 -17.01
C LEU C 9 -13.33 7.32 -18.51
N ALA C 10 -12.54 6.38 -19.00
CA ALA C 10 -12.35 6.10 -20.42
C ALA C 10 -13.15 4.91 -20.89
N HIS C 11 -14.15 5.19 -21.73
CA HIS C 11 -14.97 4.15 -22.36
C HIS C 11 -14.16 3.24 -23.28
N GLY C 12 -14.66 2.02 -23.51
CA GLY C 12 -14.10 1.08 -24.42
C GLY C 12 -14.43 1.35 -25.89
N PHE C 13 -14.01 0.43 -26.73
CA PHE C 13 -14.11 0.59 -28.21
C PHE C 13 -15.52 0.81 -28.69
N GLU C 14 -15.72 1.99 -29.31
CA GLU C 14 -16.98 2.48 -29.89
C GLU C 14 -18.15 2.82 -28.94
N SER C 15 -18.03 2.49 -27.65
CA SER C 15 -19.19 2.54 -26.74
C SER C 15 -19.66 3.92 -26.36
N GLY C 16 -18.73 4.85 -26.28
CA GLY C 16 -19.04 6.22 -26.03
C GLY C 16 -19.11 6.58 -24.57
N PRO C 17 -19.17 7.88 -24.27
CA PRO C 17 -19.14 8.34 -22.89
C PRO C 17 -20.37 8.03 -22.07
N ASP C 18 -21.47 7.62 -22.71
CA ASP C 18 -22.68 7.27 -21.97
C ASP C 18 -22.77 5.75 -21.80
N ALA C 19 -21.68 5.04 -22.05
CA ALA C 19 -21.62 3.59 -21.86
C ALA C 19 -21.96 3.25 -20.38
N LEU C 20 -22.51 2.07 -20.19
CA LEU C 20 -23.06 1.74 -18.89
C LEU C 20 -22.08 1.77 -17.71
N LYS C 21 -20.90 1.17 -17.91
CA LYS C 21 -19.97 1.05 -16.81
C LYS C 21 -19.31 2.39 -16.46
N VAL C 22 -18.84 3.13 -17.44
CA VAL C 22 -18.26 4.43 -17.11
C VAL C 22 -19.29 5.39 -16.52
N THR C 23 -20.54 5.28 -16.95
CA THR C 23 -21.60 6.11 -16.37
C THR C 23 -21.82 5.75 -14.91
N ALA C 24 -21.77 4.45 -14.58
CA ALA C 24 -21.91 4.02 -13.21
C ALA C 24 -20.72 4.51 -12.38
N LEU C 25 -19.52 4.47 -12.94
CA LEU C 25 -18.33 4.94 -12.22
C LEU C 25 -18.44 6.46 -11.98
N ALA C 26 -18.98 7.21 -12.94
CA ALA C 26 -19.19 8.63 -12.73
C ALA C 26 -20.16 8.88 -11.58
N GLU C 27 -21.19 8.05 -11.46
CA GLU C 27 -22.13 8.16 -10.36
C GLU C 27 -21.38 7.98 -9.04
N VAL C 28 -20.46 7.01 -8.97
CA VAL C 28 -19.69 6.79 -7.76
C VAL C 28 -18.82 7.96 -7.43
N ALA C 29 -18.09 8.48 -8.41
CA ALA C 29 -17.24 9.65 -8.19
C ALA C 29 -18.10 10.81 -7.65
N GLU C 30 -19.28 11.04 -8.25
CA GLU C 30 -20.17 12.16 -7.86
C GLU C 30 -20.59 11.99 -6.43
N ARG C 31 -21.00 10.79 -6.08
CA ARG C 31 -21.48 10.53 -4.74
C ARG C 31 -20.39 10.63 -3.65
N LEU C 32 -19.13 10.38 -4.02
CA LEU C 32 -18.01 10.44 -3.10
C LEU C 32 -17.26 11.77 -3.06
N GLY C 33 -17.75 12.73 -3.83
CA GLY C 33 -17.18 14.07 -3.78
C GLY C 33 -15.99 14.30 -4.67
N TRP C 34 -15.84 13.43 -5.68
CA TRP C 34 -14.82 13.62 -6.73
C TRP C 34 -15.41 14.26 -7.94
N THR C 35 -14.67 15.07 -8.69
CA THR C 35 -15.15 15.57 -9.95
C THR C 35 -14.77 14.46 -10.92
N HIS C 36 -15.39 14.51 -12.10
CA HIS C 36 -15.24 13.43 -13.07
C HIS C 36 -15.55 13.88 -14.45
N GLU C 37 -14.97 13.18 -15.41
CA GLU C 37 -15.28 13.40 -16.82
C GLU C 37 -15.16 12.09 -17.54
N ARG C 38 -15.93 11.99 -18.64
CA ARG C 38 -15.97 10.84 -19.53
C ARG C 38 -15.65 11.34 -20.92
N PRO C 39 -14.38 11.35 -21.30
CA PRO C 39 -14.07 11.83 -22.65
C PRO C 39 -14.66 10.96 -23.75
N ASP C 40 -15.00 11.61 -24.86
CA ASP C 40 -15.54 10.93 -26.01
C ASP C 40 -14.43 10.62 -26.97
N PHE C 41 -14.16 9.35 -27.20
CA PHE C 41 -13.16 8.86 -28.10
C PHE C 41 -13.76 8.23 -29.35
N THR C 42 -15.06 8.42 -29.56
CA THR C 42 -15.73 7.72 -30.66
C THR C 42 -15.25 8.15 -32.06
N ASP C 43 -14.82 9.40 -32.22
CA ASP C 43 -14.22 9.81 -33.48
C ASP C 43 -12.94 9.03 -33.81
N LEU C 44 -12.10 8.82 -32.80
CA LEU C 44 -10.87 8.07 -32.98
C LEU C 44 -11.09 6.57 -33.21
N ASP C 45 -12.06 6.03 -32.46
CA ASP C 45 -12.45 4.64 -32.59
C ASP C 45 -12.98 4.32 -33.98
N ALA C 46 -13.56 5.31 -34.64
CA ALA C 46 -14.13 5.13 -35.99
C ALA C 46 -13.10 5.09 -37.08
N ARG C 47 -11.84 5.37 -36.76
CA ARG C 47 -10.77 5.41 -37.77
C ARG C 47 -10.30 4.02 -38.13
N ARG C 48 -11.14 3.30 -38.86
CA ARG C 48 -10.80 1.93 -39.25
C ARG C 48 -9.60 1.89 -40.17
N ASP C 49 -9.33 3.00 -40.86
CA ASP C 49 -8.12 3.10 -41.70
C ASP C 49 -6.84 2.96 -40.88
N LEU C 50 -6.90 3.27 -39.57
CA LEU C 50 -5.73 3.14 -38.69
C LEU C 50 -5.70 1.86 -37.85
N GLY C 51 -6.64 0.97 -38.09
CA GLY C 51 -6.62 -0.33 -37.40
C GLY C 51 -7.93 -0.73 -36.84
N GLN C 52 -7.95 -1.97 -36.34
CA GLN C 52 -9.14 -2.63 -35.81
C GLN C 52 -9.73 -1.96 -34.57
N LEU C 53 -8.89 -1.21 -33.84
CA LEU C 53 -9.36 -0.46 -32.68
C LEU C 53 -9.27 1.04 -32.94
N GLY C 54 -9.24 1.40 -34.20
CA GLY C 54 -9.20 2.79 -34.61
C GLY C 54 -7.87 3.44 -34.27
N ASP C 55 -7.93 4.73 -34.03
CA ASP C 55 -6.70 5.49 -33.76
C ASP C 55 -6.21 5.41 -32.29
N VAL C 56 -5.64 4.26 -31.89
CA VAL C 56 -5.27 4.08 -30.48
C VAL C 56 -4.22 5.11 -30.03
N ARG C 57 -3.28 5.46 -30.91
CA ARG C 57 -2.28 6.46 -30.53
C ARG C 57 -2.92 7.80 -30.31
N GLY C 58 -3.91 8.14 -31.13
CA GLY C 58 -4.67 9.35 -30.91
C GLY C 58 -5.45 9.32 -29.59
N ARG C 59 -5.97 8.16 -29.24
CA ARG C 59 -6.72 7.93 -28.04
C ARG C 59 -5.78 8.17 -26.84
N LEU C 60 -4.62 7.57 -26.90
CA LEU C 60 -3.57 7.76 -25.91
C LEU C 60 -3.20 9.25 -25.72
N GLN C 61 -2.99 9.94 -26.82
CA GLN C 61 -2.63 11.35 -26.75
C GLN C 61 -3.72 12.21 -26.16
N ARG C 62 -4.98 11.97 -26.55
CA ARG C 62 -6.05 12.74 -26.07
C ARG C 62 -6.18 12.56 -24.55
N LEU C 63 -6.10 11.33 -24.07
CA LEU C 63 -6.20 11.08 -22.64
C LEU C 63 -5.00 11.69 -21.87
N LEU C 64 -3.81 11.60 -22.47
CA LEU C 64 -2.59 12.19 -21.88
C LEU C 64 -2.82 13.68 -21.62
N GLU C 65 -3.33 14.39 -22.61
CA GLU C 65 -3.57 15.82 -22.43
C GLU C 65 -4.57 16.14 -21.35
N ILE C 66 -5.67 15.42 -21.34
CA ILE C 66 -6.75 15.60 -20.38
C ILE C 66 -6.26 15.33 -18.95
N ALA C 67 -5.53 14.25 -18.81
CA ALA C 67 -5.00 13.86 -17.48
C ALA C 67 -3.96 14.92 -17.02
N ARG C 68 -3.08 15.33 -17.91
CA ARG C 68 -2.06 16.35 -17.60
C ARG C 68 -2.75 17.62 -17.09
N ALA C 69 -3.77 18.11 -17.83
CA ALA C 69 -4.51 19.27 -17.43
C ALA C 69 -5.14 19.12 -16.06
N ALA C 70 -5.66 17.94 -15.76
CA ALA C 70 -6.31 17.73 -14.48
C ALA C 70 -5.30 17.72 -13.34
N THR C 71 -4.14 17.15 -13.59
CA THR C 71 -3.11 17.13 -12.55
C THR C 71 -2.60 18.53 -12.23
N GLU C 72 -2.84 19.51 -13.10
CA GLU C 72 -2.49 20.92 -12.79
C GLU C 72 -3.49 21.53 -11.85
N LYS C 73 -4.55 20.81 -11.50
CA LYS C 73 -5.53 21.24 -10.51
C LYS C 73 -5.55 20.39 -9.23
N GLY C 74 -5.08 19.16 -9.29
CA GLY C 74 -5.23 18.28 -8.15
C GLY C 74 -4.94 16.85 -8.57
N PRO C 75 -5.11 15.89 -7.65
CA PRO C 75 -4.85 14.50 -7.97
C PRO C 75 -5.85 13.95 -9.01
N VAL C 76 -5.39 12.96 -9.75
CA VAL C 76 -6.17 12.36 -10.80
C VAL C 76 -6.16 10.83 -10.66
N VAL C 77 -7.37 10.26 -10.74
CA VAL C 77 -7.55 8.82 -10.81
C VAL C 77 -8.01 8.50 -12.25
N LEU C 78 -7.36 7.54 -12.88
CA LEU C 78 -7.73 7.10 -14.25
C LEU C 78 -8.43 5.76 -14.17
N ALA C 79 -9.58 5.66 -14.83
CA ALA C 79 -10.35 4.40 -14.90
C ALA C 79 -10.79 4.18 -16.31
N GLY C 80 -11.00 2.92 -16.62
CA GLY C 80 -11.51 2.56 -17.93
C GLY C 80 -12.09 1.17 -18.02
N SER C 81 -12.60 0.88 -19.23
CA SER C 81 -13.01 -0.46 -19.58
C SER C 81 -12.28 -0.88 -20.87
N SER C 82 -11.63 -2.05 -20.88
CA SER C 82 -11.02 -2.67 -22.08
C SER C 82 -10.07 -1.71 -22.75
N LEU C 83 -10.32 -1.26 -23.98
CA LEU C 83 -9.43 -0.29 -24.62
C LEU C 83 -9.17 0.93 -23.71
N GLY C 84 -10.22 1.39 -23.02
CA GLY C 84 -10.14 2.54 -22.09
C GLY C 84 -9.23 2.22 -20.92
N SER C 85 -9.28 0.99 -20.41
CA SER C 85 -8.28 0.53 -19.41
C SER C 85 -6.85 0.56 -19.92
N TYR C 86 -6.65 0.11 -21.15
CA TYR C 86 -5.33 0.09 -21.72
C TYR C 86 -4.75 1.50 -21.79
N ILE C 87 -5.51 2.45 -22.30
CA ILE C 87 -4.96 3.80 -22.40
C ILE C 87 -4.83 4.45 -21.03
N ALA C 88 -5.69 4.14 -20.06
CA ALA C 88 -5.51 4.68 -18.72
C ALA C 88 -4.19 4.23 -18.13
N ALA C 89 -3.93 2.93 -18.22
CA ALA C 89 -2.70 2.36 -17.74
C ALA C 89 -1.48 3.00 -18.39
N GLN C 90 -1.52 3.15 -19.70
CA GLN C 90 -0.36 3.70 -20.41
C GLN C 90 -0.15 5.15 -20.04
N VAL C 91 -1.22 5.89 -19.87
CA VAL C 91 -1.12 7.33 -19.51
C VAL C 91 -0.46 7.49 -18.14
N SER C 92 -0.69 6.56 -17.22
CA SER C 92 -0.10 6.65 -15.90
C SER C 92 1.44 6.62 -15.93
N LEU C 93 2.02 6.09 -17.02
CA LEU C 93 3.46 6.04 -17.20
C LEU C 93 4.02 7.42 -17.54
N GLN C 94 3.15 8.36 -17.89
CA GLN C 94 3.56 9.66 -18.36
C GLN C 94 3.07 10.85 -17.59
N VAL C 95 2.12 10.68 -16.68
CA VAL C 95 1.54 11.77 -15.94
C VAL C 95 1.39 11.23 -14.50
N PRO C 96 1.73 12.02 -13.49
CA PRO C 96 1.50 11.52 -12.10
C PRO C 96 0.03 11.19 -11.85
N THR C 97 -0.17 9.93 -11.50
CA THR C 97 -1.50 9.40 -11.31
C THR C 97 -1.68 8.87 -9.89
N ARG C 98 -2.81 9.16 -9.30
CA ARG C 98 -3.05 8.77 -7.94
C ARG C 98 -3.35 7.24 -7.77
N ALA C 99 -4.08 6.69 -8.73
CA ALA C 99 -4.53 5.32 -8.70
C ALA C 99 -5.14 5.04 -10.05
N LEU C 100 -5.29 3.74 -10.34
CA LEU C 100 -5.89 3.18 -11.56
C LEU C 100 -6.97 2.18 -11.22
N PHE C 101 -8.09 2.26 -11.93
CA PHE C 101 -9.21 1.31 -11.83
C PHE C 101 -9.44 0.78 -13.23
N LEU C 102 -9.14 -0.50 -13.42
CA LEU C 102 -9.13 -1.12 -14.72
C LEU C 102 -10.15 -2.25 -14.83
N VAL C 104 -11.68 -5.10 -17.16
CA VAL C 104 -11.27 -5.99 -18.29
C VAL C 104 -10.12 -5.42 -19.16
N PRO C 105 -8.96 -5.17 -18.50
CA PRO C 105 -7.83 -4.62 -19.24
C PRO C 105 -7.16 -5.64 -20.15
N PRO C 106 -6.88 -5.26 -21.43
CA PRO C 106 -6.14 -6.16 -22.28
C PRO C 106 -4.66 -6.08 -21.94
N THR C 107 -3.98 -7.21 -21.97
CA THR C 107 -2.54 -7.20 -21.71
C THR C 107 -1.68 -7.11 -22.99
N LYS C 108 -2.25 -7.47 -24.12
CA LYS C 108 -1.54 -7.48 -25.42
C LYS C 108 -2.30 -6.62 -26.39
N GLY C 110 -1.20 -5.89 -30.01
CA GLY C 110 -0.57 -5.97 -31.36
C GLY C 110 0.73 -5.21 -31.51
N PRO C 111 0.77 -4.20 -32.41
CA PRO C 111 2.00 -3.42 -32.57
C PRO C 111 2.23 -2.36 -31.49
N LEU C 112 1.25 -2.20 -30.61
CA LEU C 112 1.32 -1.16 -29.59
C LEU C 112 1.99 -1.74 -28.35
N PRO C 113 2.48 -0.86 -27.44
CA PRO C 113 3.09 -1.33 -26.21
C PRO C 113 2.20 -2.34 -25.40
N ALA C 114 2.81 -3.35 -24.80
CA ALA C 114 2.11 -4.26 -23.91
C ALA C 114 1.60 -3.47 -22.71
N LEU C 115 0.52 -3.95 -22.10
CA LEU C 115 -0.02 -3.24 -20.95
C LEU C 115 1.06 -3.02 -19.87
N ASP C 116 1.12 -1.79 -19.38
CA ASP C 116 2.01 -1.43 -18.26
C ASP C 116 1.41 -0.25 -17.56
N ALA C 117 1.86 0.06 -16.35
CA ALA C 117 1.26 1.10 -15.57
C ALA C 117 2.28 1.52 -14.54
N ALA C 118 2.11 2.75 -14.06
CA ALA C 118 2.93 3.33 -12.96
C ALA C 118 2.76 2.45 -11.71
N ALA C 119 3.74 2.55 -10.81
CA ALA C 119 3.76 1.79 -9.57
C ALA C 119 2.88 2.49 -8.52
N VAL C 120 1.58 2.59 -8.80
CA VAL C 120 0.60 3.23 -7.96
C VAL C 120 -0.51 2.23 -7.65
N PRO C 121 -1.43 2.55 -6.75
CA PRO C 121 -2.53 1.58 -6.49
C PRO C 121 -3.34 1.26 -7.76
N ILE C 122 -3.52 -0.04 -7.95
CA ILE C 122 -4.28 -0.54 -9.11
C ILE C 122 -5.32 -1.49 -8.56
N SER C 123 -6.58 -1.33 -9.02
CA SER C 123 -7.66 -2.23 -8.71
C SER C 123 -8.26 -2.64 -10.06
N ILE C 124 -8.41 -3.95 -10.24
CA ILE C 124 -8.91 -4.54 -11.47
C ILE C 124 -10.16 -5.35 -11.24
N VAL C 125 -11.08 -5.30 -12.20
CA VAL C 125 -12.27 -6.19 -12.25
C VAL C 125 -12.16 -6.92 -13.58
N HIS C 126 -12.01 -8.24 -13.52
CA HIS C 126 -11.95 -9.04 -14.74
C HIS C 126 -12.96 -10.16 -14.70
N ALA C 127 -13.28 -10.65 -15.89
CA ALA C 127 -14.27 -11.72 -16.09
C ALA C 127 -13.65 -13.06 -16.31
N TRP C 128 -14.07 -14.03 -15.53
CA TRP C 128 -13.55 -15.34 -15.73
C TRP C 128 -13.72 -15.82 -17.16
N HIS C 129 -14.83 -15.47 -17.81
CA HIS C 129 -15.14 -15.98 -19.14
C HIS C 129 -15.00 -14.91 -20.24
N ASP C 130 -14.01 -14.04 -20.07
CA ASP C 130 -13.70 -13.08 -21.10
C ASP C 130 -13.09 -13.81 -22.29
N GLU C 131 -13.79 -13.81 -23.43
CA GLU C 131 -13.32 -14.54 -24.61
C GLU C 131 -12.16 -13.84 -25.40
N LEU C 132 -11.99 -12.54 -25.16
CA LEU C 132 -10.98 -11.72 -25.84
C LEU C 132 -9.70 -11.54 -25.08
N ILE C 133 -9.84 -11.60 -23.75
CA ILE C 133 -8.73 -11.38 -22.86
C ILE C 133 -8.70 -12.47 -21.81
N PRO C 134 -7.92 -13.54 -22.08
CA PRO C 134 -7.91 -14.66 -21.14
C PRO C 134 -7.63 -14.21 -19.70
N ALA C 135 -8.44 -14.72 -18.77
CA ALA C 135 -8.25 -14.37 -17.35
C ALA C 135 -6.84 -14.66 -16.91
N ALA C 136 -6.25 -15.78 -17.36
CA ALA C 136 -4.89 -16.11 -16.99
C ALA C 136 -3.91 -14.96 -17.30
N ASP C 137 -4.14 -14.21 -18.39
CA ASP C 137 -3.20 -13.14 -18.75
C ASP C 137 -3.29 -11.97 -17.78
N VAL C 138 -4.53 -11.67 -17.40
CA VAL C 138 -4.74 -10.57 -16.46
C VAL C 138 -4.28 -10.97 -15.04
N ILE C 139 -4.55 -12.21 -14.67
CA ILE C 139 -4.05 -12.74 -13.40
C ILE C 139 -2.53 -12.60 -13.30
N ALA C 140 -1.80 -12.98 -14.35
CA ALA C 140 -0.35 -12.89 -14.30
C ALA C 140 0.13 -11.48 -14.21
N TRP C 141 -0.53 -10.56 -14.92
CA TRP C 141 -0.19 -9.16 -14.92
C TRP C 141 -0.42 -8.54 -13.52
N ALA C 142 -1.57 -8.85 -12.94
CA ALA C 142 -1.93 -8.39 -11.62
C ALA C 142 -0.94 -8.99 -10.59
N GLN C 143 -0.62 -10.26 -10.70
CA GLN C 143 0.27 -10.91 -9.75
C GLN C 143 1.65 -10.28 -9.71
N ALA C 144 2.15 -9.88 -10.88
CA ALA C 144 3.48 -9.26 -10.94
C ALA C 144 3.60 -7.96 -10.17
N ARG C 145 2.50 -7.25 -9.96
N ARG C 145 2.46 -7.29 -10.00
CA ARG C 145 2.57 -6.00 -9.21
CA ARG C 145 2.38 -5.98 -9.34
C ARG C 145 1.65 -6.03 -7.98
C ARG C 145 1.60 -6.03 -8.03
N SER C 146 1.17 -7.22 -7.63
CA SER C 146 0.26 -7.41 -6.50
C SER C 146 -0.98 -6.49 -6.61
N ALA C 147 -1.51 -6.21 -7.82
CA ALA C 147 -2.67 -5.38 -7.97
C ALA C 147 -3.89 -6.08 -7.42
N ARG C 148 -4.79 -5.27 -6.91
N ARG C 148 -4.76 -5.35 -6.73
CA ARG C 148 -6.06 -5.79 -6.42
CA ARG C 148 -5.99 -5.97 -6.22
C ARG C 148 -6.82 -6.36 -7.59
C ARG C 148 -6.83 -6.35 -7.44
N LEU C 149 -7.32 -7.58 -7.44
CA LEU C 149 -7.98 -8.23 -8.59
C LEU C 149 -9.23 -8.91 -8.10
N LEU C 150 -10.34 -8.53 -8.75
CA LEU C 150 -11.64 -9.12 -8.54
C LEU C 150 -12.00 -9.84 -9.80
N LEU C 151 -12.23 -11.14 -9.66
CA LEU C 151 -12.63 -12.00 -10.75
C LEU C 151 -14.08 -12.44 -10.53
N VAL C 152 -14.90 -12.27 -11.58
CA VAL C 152 -16.35 -12.51 -11.48
C VAL C 152 -16.77 -13.41 -12.63
N ASP C 153 -17.88 -14.07 -12.34
CA ASP C 153 -18.46 -15.03 -13.31
C ASP C 153 -19.27 -14.26 -14.35
N ASP C 154 -18.61 -13.88 -15.41
CA ASP C 154 -19.18 -13.06 -16.46
C ASP C 154 -18.30 -13.14 -17.70
N GLY C 155 -18.76 -12.49 -18.76
CA GLY C 155 -18.00 -12.33 -19.97
C GLY C 155 -17.39 -10.92 -20.00
N HIS C 156 -16.80 -10.61 -21.15
CA HIS C 156 -16.03 -9.35 -21.33
C HIS C 156 -16.77 -8.06 -21.04
N ARG C 157 -18.08 -8.03 -21.28
CA ARG C 157 -18.83 -6.84 -21.00
C ARG C 157 -19.17 -6.55 -19.54
N LEU C 158 -18.94 -7.55 -18.65
CA LEU C 158 -19.30 -7.46 -17.25
C LEU C 158 -20.72 -7.03 -17.10
N GLY C 159 -21.54 -7.54 -18.00
CA GLY C 159 -22.94 -7.13 -18.03
C GLY C 159 -23.71 -7.32 -16.76
N ALA C 160 -23.37 -8.38 -16.01
CA ALA C 160 -24.05 -8.69 -14.78
C ALA C 160 -23.34 -8.14 -13.55
N HIS C 161 -22.29 -7.36 -13.77
CA HIS C 161 -21.46 -6.90 -12.63
C HIS C 161 -21.20 -5.41 -12.62
N VAL C 162 -22.14 -4.61 -13.11
CA VAL C 162 -21.98 -3.19 -13.04
C VAL C 162 -21.91 -2.74 -11.55
N GLN C 163 -22.73 -3.28 -10.65
N GLN C 163 -22.76 -3.30 -10.71
CA GLN C 163 -22.68 -2.82 -9.23
CA GLN C 163 -22.77 -2.94 -9.29
C GLN C 163 -21.45 -3.35 -8.49
C GLN C 163 -21.45 -3.32 -8.63
N ALA C 164 -21.00 -4.55 -8.86
CA ALA C 164 -19.77 -5.05 -8.24
C ALA C 164 -18.62 -4.18 -8.67
N ALA C 165 -18.58 -3.78 -9.96
CA ALA C 165 -17.52 -2.91 -10.42
C ALA C 165 -17.60 -1.55 -9.76
N SER C 166 -18.81 -0.97 -9.61
CA SER C 166 -19.03 0.34 -8.95
C SER C 166 -18.55 0.31 -7.52
N ARG C 167 -18.85 -0.79 -6.84
CA ARG C 167 -18.40 -0.95 -5.45
C ARG C 167 -16.89 -1.04 -5.36
N ALA C 168 -16.26 -1.78 -6.26
CA ALA C 168 -14.79 -1.89 -6.27
C ALA C 168 -14.19 -0.51 -6.51
N PHE C 169 -14.77 0.26 -7.39
CA PHE C 169 -14.27 1.59 -7.65
C PHE C 169 -14.40 2.51 -6.42
N ALA C 170 -15.56 2.49 -5.77
CA ALA C 170 -15.72 3.23 -4.54
C ALA C 170 -14.69 2.85 -3.49
N GLU C 171 -14.43 1.55 -3.34
N GLU C 171 -14.47 1.56 -3.30
CA GLU C 171 -13.46 1.06 -2.34
CA GLU C 171 -13.48 1.11 -2.32
C GLU C 171 -12.04 1.56 -2.66
C GLU C 171 -12.13 1.72 -2.67
N LEU C 172 -11.72 1.63 -3.95
CA LEU C 172 -10.46 2.25 -4.34
C LEU C 172 -10.45 3.77 -3.98
N LEU C 173 -11.46 4.52 -4.38
CA LEU C 173 -11.46 5.96 -4.10
C LEU C 173 -11.40 6.22 -2.62
N GLN C 174 -12.16 5.47 -1.85
CA GLN C 174 -12.15 5.72 -0.39
C GLN C 174 -10.85 5.40 0.29
N SER C 175 -9.96 4.67 -0.37
CA SER C 175 -8.63 4.37 0.15
C SER C 175 -7.58 5.45 -0.15
N LEU C 176 -7.90 6.46 -0.94
CA LEU C 176 -6.91 7.41 -1.39
C LEU C 176 -6.87 8.63 -0.51
N SER D 3 -34.95 -11.28 11.27
N SER D 3 -35.01 -11.24 11.23
CA SER D 3 -33.58 -11.19 10.79
CA SER D 3 -33.64 -11.30 10.80
C SER D 3 -33.54 -11.54 9.31
C SER D 3 -33.52 -11.62 9.32
N ARG D 4 -32.41 -11.20 8.69
CA ARG D 4 -32.17 -11.49 7.30
C ARG D 4 -31.64 -12.90 7.09
N GLY D 5 -31.29 -13.58 8.19
CA GLY D 5 -30.80 -14.92 8.14
C GLY D 5 -29.71 -15.06 9.18
N HIS D 6 -29.06 -16.21 9.13
CA HIS D 6 -28.04 -16.58 10.10
C HIS D 6 -26.66 -16.93 9.49
N CYS D 7 -25.62 -16.36 10.08
CA CYS D 7 -24.25 -16.59 9.68
C CYS D 7 -23.49 -17.39 10.74
N ILE D 8 -22.82 -18.47 10.32
CA ILE D 8 -21.93 -19.24 11.19
C ILE D 8 -20.52 -18.97 10.71
N LEU D 9 -19.72 -18.40 11.59
CA LEU D 9 -18.39 -17.87 11.25
C LEU D 9 -17.34 -18.70 11.93
N ALA D 10 -16.58 -19.44 11.13
CA ALA D 10 -15.57 -20.38 11.64
C ALA D 10 -14.16 -19.90 11.65
N HIS D 11 -13.62 -19.78 12.86
CA HIS D 11 -12.24 -19.27 13.03
C HIS D 11 -11.17 -20.22 12.49
N GLY D 12 -9.97 -19.67 12.24
CA GLY D 12 -8.87 -20.47 11.74
C GLY D 12 -8.14 -21.25 12.82
N PHE D 13 -7.08 -21.90 12.42
CA PHE D 13 -6.30 -22.75 13.33
C PHE D 13 -5.74 -21.99 14.49
N GLU D 14 -6.19 -22.42 15.68
CA GLU D 14 -5.84 -21.92 17.00
C GLU D 14 -6.33 -20.53 17.38
N SER D 15 -6.87 -19.73 16.45
CA SER D 15 -7.21 -18.35 16.76
C SER D 15 -8.40 -18.17 17.67
N GLY D 16 -9.37 -19.08 17.67
CA GLY D 16 -10.46 -18.96 18.56
C GLY D 16 -11.57 -18.03 18.10
N PRO D 17 -12.71 -18.11 18.79
CA PRO D 17 -13.91 -17.41 18.37
C PRO D 17 -13.90 -15.88 18.49
N ASP D 18 -12.93 -15.30 19.19
CA ASP D 18 -12.77 -13.85 19.32
C ASP D 18 -11.68 -13.32 18.37
N ALA D 19 -11.23 -14.19 17.48
CA ALA D 19 -10.16 -13.87 16.48
C ALA D 19 -10.60 -12.63 15.68
N LEU D 20 -9.62 -11.83 15.31
CA LEU D 20 -9.86 -10.60 14.59
C LEU D 20 -10.82 -10.70 13.39
N LYS D 21 -10.59 -11.65 12.48
CA LYS D 21 -11.36 -11.64 11.23
C LYS D 21 -12.78 -12.17 11.41
N VAL D 22 -12.94 -13.29 12.12
CA VAL D 22 -14.37 -13.69 12.36
C VAL D 22 -15.12 -12.67 13.18
N THR D 23 -14.48 -11.93 14.10
CA THR D 23 -15.11 -10.87 14.85
C THR D 23 -15.63 -9.76 13.91
N ALA D 24 -14.78 -9.38 12.95
CA ALA D 24 -15.17 -8.42 11.96
C ALA D 24 -16.37 -8.85 11.12
N LEU D 25 -16.43 -10.10 10.74
CA LEU D 25 -17.57 -10.61 9.96
C LEU D 25 -18.80 -10.61 10.84
N ALA D 26 -18.66 -10.91 12.14
CA ALA D 26 -19.85 -10.84 13.02
C ALA D 26 -20.34 -9.41 13.14
N GLU D 27 -19.44 -8.43 13.14
CA GLU D 27 -19.82 -7.04 13.18
C GLU D 27 -20.59 -6.68 11.90
N VAL D 28 -20.14 -7.20 10.78
CA VAL D 28 -20.88 -6.93 9.53
C VAL D 28 -22.27 -7.56 9.60
N ALA D 29 -22.35 -8.81 10.03
CA ALA D 29 -23.66 -9.47 10.13
C ALA D 29 -24.61 -8.68 11.02
N GLU D 30 -24.16 -8.34 12.21
CA GLU D 30 -24.97 -7.57 13.16
C GLU D 30 -25.48 -6.26 12.55
N ARG D 31 -24.55 -5.49 11.97
N ARG D 31 -24.54 -5.47 12.02
CA ARG D 31 -24.83 -4.18 11.36
CA ARG D 31 -24.87 -4.21 11.37
C ARG D 31 -25.85 -4.25 10.21
C ARG D 31 -25.96 -4.34 10.34
N LEU D 32 -25.85 -5.34 9.48
CA LEU D 32 -26.77 -5.55 8.39
C LEU D 32 -28.08 -6.27 8.74
N GLY D 33 -28.19 -6.71 9.97
CA GLY D 33 -29.43 -7.31 10.49
C GLY D 33 -29.53 -8.80 10.32
N TRP D 34 -28.38 -9.48 10.35
CA TRP D 34 -28.32 -10.94 10.35
C TRP D 34 -27.96 -11.40 11.72
N THR D 35 -28.34 -12.60 12.10
CA THR D 35 -27.86 -13.17 13.36
C THR D 35 -26.54 -13.89 13.02
N HIS D 36 -25.78 -14.17 14.05
CA HIS D 36 -24.47 -14.74 13.87
C HIS D 36 -23.98 -15.52 15.08
N GLU D 37 -23.09 -16.47 14.81
CA GLU D 37 -22.38 -17.14 15.88
C GLU D 37 -20.96 -17.53 15.41
N ARG D 38 -20.06 -17.60 16.38
CA ARG D 38 -18.66 -17.95 16.20
C ARG D 38 -18.35 -19.17 17.10
N PRO D 39 -18.42 -20.36 16.53
CA PRO D 39 -18.16 -21.53 17.38
C PRO D 39 -16.70 -21.58 17.83
N ASP D 40 -16.47 -22.27 18.92
CA ASP D 40 -15.12 -22.44 19.46
C ASP D 40 -14.61 -23.82 19.08
N PHE D 41 -13.53 -23.86 18.31
CA PHE D 41 -12.90 -25.06 17.89
C PHE D 41 -11.49 -25.25 18.55
N THR D 42 -11.19 -24.43 19.53
CA THR D 42 -9.82 -24.42 20.08
C THR D 42 -9.37 -25.72 20.76
N ASP D 43 -10.33 -26.46 21.34
CA ASP D 43 -10.01 -27.75 21.92
C ASP D 43 -9.57 -28.73 20.85
N LEU D 44 -10.28 -28.77 19.71
CA LEU D 44 -9.94 -29.63 18.63
C LEU D 44 -8.60 -29.25 17.98
N ASP D 45 -8.36 -27.96 17.83
CA ASP D 45 -7.13 -27.50 17.20
C ASP D 45 -5.90 -27.89 18.03
N ALA D 46 -6.11 -27.96 19.33
CA ALA D 46 -4.98 -28.34 20.24
C ALA D 46 -4.58 -29.83 20.15
N ARG D 47 -5.38 -30.68 19.50
CA ARG D 47 -5.13 -32.12 19.45
C ARG D 47 -4.08 -32.53 18.44
N ARG D 48 -2.82 -32.30 18.83
CA ARG D 48 -1.65 -32.57 17.97
C ARG D 48 -1.52 -34.04 17.71
N ASP D 49 -2.05 -34.87 18.61
CA ASP D 49 -2.12 -36.30 18.37
C ASP D 49 -2.94 -36.70 17.13
N LEU D 50 -3.87 -35.85 16.69
CA LEU D 50 -4.68 -36.17 15.50
C LEU D 50 -4.25 -35.44 14.22
N GLY D 51 -3.13 -34.73 14.29
CA GLY D 51 -2.51 -34.08 13.14
C GLY D 51 -1.91 -32.73 13.45
N GLN D 52 -1.22 -32.16 12.44
CA GLN D 52 -0.59 -30.86 12.63
C GLN D 52 -1.60 -29.72 12.70
N LEU D 53 -2.82 -29.92 12.18
CA LEU D 53 -3.92 -28.95 12.34
C LEU D 53 -5.01 -29.46 13.27
N GLY D 54 -4.63 -30.36 14.18
CA GLY D 54 -5.57 -30.85 15.16
C GLY D 54 -6.60 -31.82 14.64
N ASP D 55 -7.73 -31.85 15.34
CA ASP D 55 -8.80 -32.80 15.00
C ASP D 55 -9.74 -32.21 13.91
N VAL D 56 -9.28 -32.17 12.67
CA VAL D 56 -10.08 -31.57 11.59
C VAL D 56 -11.43 -32.29 11.34
N ARG D 57 -11.48 -33.62 11.49
CA ARG D 57 -12.76 -34.36 11.38
C ARG D 57 -13.72 -33.92 12.49
N GLY D 58 -13.20 -33.70 13.69
CA GLY D 58 -14.07 -33.20 14.77
C GLY D 58 -14.60 -31.83 14.48
N ARG D 59 -13.72 -30.98 13.94
CA ARG D 59 -14.10 -29.67 13.50
C ARG D 59 -15.27 -29.71 12.50
N LEU D 60 -15.10 -30.57 11.52
CA LEU D 60 -16.15 -30.82 10.52
C LEU D 60 -17.48 -31.24 11.14
N GLN D 61 -17.41 -32.20 12.06
N GLN D 61 -17.42 -32.18 12.08
CA GLN D 61 -18.62 -32.72 12.73
CA GLN D 61 -18.62 -32.72 12.69
C GLN D 61 -19.26 -31.68 13.59
C GLN D 61 -19.26 -31.73 13.63
N ARG D 62 -18.45 -30.95 14.35
CA ARG D 62 -18.99 -29.91 15.23
C ARG D 62 -19.73 -28.83 14.42
N LEU D 63 -19.12 -28.38 13.35
CA LEU D 63 -19.76 -27.37 12.52
C LEU D 63 -21.03 -27.88 11.86
N LEU D 64 -21.01 -29.12 11.40
CA LEU D 64 -22.20 -29.78 10.82
C LEU D 64 -23.36 -29.72 11.78
N GLU D 65 -23.09 -30.07 13.02
CA GLU D 65 -24.15 -30.10 14.05
C GLU D 65 -24.66 -28.69 14.31
N ILE D 66 -23.76 -27.69 14.36
CA ILE D 66 -24.19 -26.33 14.57
C ILE D 66 -25.02 -25.82 13.42
N ALA D 67 -24.59 -26.11 12.20
CA ALA D 67 -25.33 -25.72 11.01
C ALA D 67 -26.68 -26.40 10.93
N ARG D 68 -26.74 -27.66 11.30
CA ARG D 68 -28.06 -28.35 11.32
C ARG D 68 -29.01 -27.68 12.28
N ALA D 69 -28.50 -27.33 13.47
CA ALA D 69 -29.27 -26.66 14.50
C ALA D 69 -29.82 -25.32 14.06
N ALA D 70 -29.14 -24.63 13.14
CA ALA D 70 -29.52 -23.28 12.61
C ALA D 70 -30.44 -23.22 11.39
N THR D 71 -30.42 -24.22 10.50
CA THR D 71 -31.29 -24.16 9.31
C THR D 71 -32.81 -24.04 9.72
N GLU D 72 -33.17 -24.24 10.99
CA GLU D 72 -34.50 -23.91 11.44
C GLU D 72 -34.60 -22.39 11.60
N VAL D 76 -28.48 -21.15 5.78
CA VAL D 76 -27.42 -20.51 6.60
C VAL D 76 -26.36 -19.96 5.65
N VAL D 77 -25.72 -18.86 6.08
CA VAL D 77 -24.50 -18.41 5.39
C VAL D 77 -23.33 -18.96 6.23
N LEU D 78 -22.46 -19.74 5.59
CA LEU D 78 -21.24 -20.26 6.25
C LEU D 78 -20.04 -19.47 5.79
N ALA D 79 -19.23 -18.97 6.77
CA ALA D 79 -18.02 -18.23 6.43
C ALA D 79 -16.89 -18.67 7.33
N GLY D 80 -15.68 -18.41 6.87
CA GLY D 80 -14.55 -18.74 7.69
C GLY D 80 -13.26 -18.12 7.24
N SER D 81 -12.23 -18.48 7.95
N SER D 81 -12.24 -18.43 8.05
CA SER D 81 -10.88 -18.09 7.62
CA SER D 81 -10.82 -18.12 7.82
C SER D 81 -10.00 -19.32 7.71
C SER D 81 -10.00 -19.40 7.72
N SER D 82 -9.25 -19.56 6.64
CA SER D 82 -8.25 -20.62 6.55
C SER D 82 -8.84 -22.00 6.90
N LEU D 83 -8.39 -22.66 7.95
CA LEU D 83 -8.98 -23.95 8.35
C LEU D 83 -10.50 -23.85 8.48
N GLY D 84 -10.99 -22.74 9.00
CA GLY D 84 -12.43 -22.48 9.15
C GLY D 84 -13.14 -22.42 7.79
N SER D 85 -12.48 -21.88 6.76
CA SER D 85 -13.01 -21.88 5.38
C SER D 85 -13.12 -23.28 4.83
N TYR D 86 -12.12 -24.09 5.06
CA TYR D 86 -12.14 -25.47 4.60
C TYR D 86 -13.36 -26.22 5.21
N ILE D 87 -13.59 -26.07 6.50
CA ILE D 87 -14.71 -26.83 7.09
C ILE D 87 -16.06 -26.21 6.67
N ALA D 88 -16.13 -24.88 6.53
CA ALA D 88 -17.36 -24.24 6.05
C ALA D 88 -17.75 -24.77 4.70
N ALA D 89 -16.81 -24.85 3.78
CA ALA D 89 -17.01 -25.38 2.46
C ALA D 89 -17.47 -26.82 2.51
N GLN D 90 -16.77 -27.67 3.25
CA GLN D 90 -17.18 -29.09 3.32
C GLN D 90 -18.58 -29.21 3.92
N VAL D 91 -18.89 -28.47 4.96
CA VAL D 91 -20.20 -28.61 5.60
C VAL D 91 -21.34 -28.14 4.65
N SER D 92 -21.09 -27.18 3.77
CA SER D 92 -22.12 -26.73 2.80
C SER D 92 -22.67 -27.87 1.92
N LEU D 93 -21.85 -28.90 1.72
CA LEU D 93 -22.28 -30.09 0.96
C LEU D 93 -23.32 -30.91 1.73
N GLN D 94 -23.44 -30.70 3.03
CA GLN D 94 -24.31 -31.52 3.89
C GLN D 94 -25.52 -30.85 4.50
N VAL D 95 -25.64 -29.52 4.43
CA VAL D 95 -26.73 -28.76 5.03
C VAL D 95 -27.14 -27.66 4.07
N PRO D 96 -28.44 -27.27 4.06
CA PRO D 96 -28.86 -26.16 3.19
C PRO D 96 -28.09 -24.87 3.47
N THR D 97 -27.37 -24.40 2.48
CA THR D 97 -26.46 -23.26 2.62
C THR D 97 -26.80 -22.16 1.61
N ARG D 98 -27.10 -20.95 2.08
CA ARG D 98 -27.50 -19.89 1.20
C ARG D 98 -26.29 -19.32 0.42
N ALA D 99 -25.14 -19.30 1.09
CA ALA D 99 -23.89 -18.83 0.46
C ALA D 99 -22.71 -19.21 1.35
N LEU D 100 -21.54 -19.11 0.74
CA LEU D 100 -20.27 -19.33 1.38
C LEU D 100 -19.35 -18.14 1.17
N PHE D 101 -18.68 -17.76 2.25
CA PHE D 101 -17.68 -16.69 2.23
C PHE D 101 -16.40 -17.26 2.79
N LEU D 102 -15.36 -17.32 1.94
CA LEU D 102 -14.13 -18.03 2.29
C LEU D 102 -12.95 -17.07 2.29
N VAL D 104 -9.03 -16.96 2.65
CA VAL D 104 -7.81 -17.77 2.48
C VAL D 104 -8.00 -19.26 2.73
N PRO D 105 -8.84 -19.87 1.86
CA PRO D 105 -9.15 -21.29 2.03
C PRO D 105 -8.03 -22.22 1.53
N PRO D 106 -7.65 -23.21 2.34
CA PRO D 106 -6.73 -24.20 1.79
C PRO D 106 -7.47 -25.11 0.77
N THR D 107 -6.80 -25.51 -0.28
CA THR D 107 -7.43 -26.36 -1.30
C THR D 107 -7.18 -27.86 -1.02
N LYS D 108 -6.20 -28.15 -0.16
CA LYS D 108 -5.81 -29.55 0.19
C LYS D 108 -5.76 -29.67 1.72
N GLY D 110 -4.43 -32.85 3.64
CA GLY D 110 -3.84 -34.17 3.92
C GLY D 110 -4.71 -35.31 3.43
N PRO D 111 -4.99 -36.30 4.30
CA PRO D 111 -5.85 -37.44 3.93
C PRO D 111 -7.34 -37.12 3.85
N LEU D 112 -7.72 -35.90 4.23
CA LEU D 112 -9.13 -35.53 4.18
C LEU D 112 -9.47 -35.07 2.75
N PRO D 113 -10.77 -35.00 2.44
CA PRO D 113 -11.13 -34.56 1.09
C PRO D 113 -10.54 -33.20 0.66
N ALA D 114 -10.23 -33.07 -0.61
CA ALA D 114 -9.86 -31.78 -1.17
C ALA D 114 -11.01 -30.82 -0.97
N LEU D 115 -10.70 -29.51 -0.97
CA LEU D 115 -11.71 -28.49 -0.81
C LEU D 115 -12.80 -28.73 -1.83
N ASP D 116 -14.05 -28.67 -1.36
CA ASP D 116 -15.22 -28.80 -2.21
C ASP D 116 -16.30 -28.07 -1.50
N ALA D 117 -17.41 -27.84 -2.20
CA ALA D 117 -18.49 -27.01 -1.70
C ALA D 117 -19.76 -27.25 -2.50
N ALA D 118 -20.89 -26.89 -1.91
CA ALA D 118 -22.16 -27.01 -2.64
C ALA D 118 -22.18 -26.00 -3.79
N ALA D 119 -23.10 -26.20 -4.75
CA ALA D 119 -23.32 -25.30 -5.87
C ALA D 119 -24.16 -24.12 -5.43
N VAL D 120 -23.55 -23.22 -4.66
CA VAL D 120 -24.21 -22.08 -4.09
C VAL D 120 -23.30 -20.87 -4.36
N PRO D 121 -23.80 -19.64 -4.12
CA PRO D 121 -22.88 -18.47 -4.29
C PRO D 121 -21.67 -18.57 -3.36
N ILE D 122 -20.49 -18.42 -3.97
CA ILE D 122 -19.20 -18.52 -3.25
C ILE D 122 -18.40 -17.29 -3.57
N SER D 123 -17.98 -16.64 -2.45
CA SER D 123 -17.16 -15.44 -2.51
C SER D 123 -15.91 -15.71 -1.65
N ILE D 124 -14.73 -15.50 -2.26
CA ILE D 124 -13.43 -15.84 -1.67
C ILE D 124 -12.59 -14.58 -1.67
N VAL D 125 -11.87 -14.38 -0.56
CA VAL D 125 -10.81 -13.37 -0.42
C VAL D 125 -9.53 -14.15 -0.18
N HIS D 126 -8.56 -13.99 -1.08
CA HIS D 126 -7.25 -14.63 -0.95
C HIS D 126 -6.15 -13.58 -1.02
N ALA D 127 -4.97 -13.94 -0.53
CA ALA D 127 -3.80 -13.11 -0.46
C ALA D 127 -2.78 -13.43 -1.51
N TRP D 128 -2.35 -12.45 -2.28
CA TRP D 128 -1.27 -12.70 -3.21
C TRP D 128 0.00 -13.29 -2.58
N HIS D 129 0.32 -12.83 -1.38
CA HIS D 129 1.54 -13.27 -0.71
C HIS D 129 1.25 -14.34 0.35
N ASP D 130 0.20 -15.14 0.17
CA ASP D 130 -0.12 -16.20 1.09
C ASP D 130 1.07 -17.18 1.10
N GLU D 131 1.71 -17.30 2.25
CA GLU D 131 2.89 -18.21 2.36
C GLU D 131 2.51 -19.65 2.62
N LEU D 132 1.24 -19.90 2.94
CA LEU D 132 0.79 -21.25 3.25
C LEU D 132 -0.02 -21.92 2.17
N ILE D 133 -0.71 -21.11 1.37
CA ILE D 133 -1.59 -21.58 0.35
C ILE D 133 -1.31 -20.72 -0.88
N PRO D 134 -0.50 -21.24 -1.81
CA PRO D 134 -0.13 -20.45 -2.98
C PRO D 134 -1.36 -19.90 -3.71
N ALA D 135 -1.32 -18.63 -4.08
CA ALA D 135 -2.48 -18.04 -4.73
C ALA D 135 -2.93 -18.86 -5.91
N ALA D 136 -2.00 -19.41 -6.69
CA ALA D 136 -2.38 -20.20 -7.86
C ALA D 136 -3.32 -21.37 -7.52
N ASP D 137 -3.21 -21.94 -6.33
CA ASP D 137 -4.08 -23.06 -5.97
C ASP D 137 -5.53 -22.59 -5.83
N VAL D 138 -5.70 -21.46 -5.20
CA VAL D 138 -7.05 -20.89 -4.98
C VAL D 138 -7.64 -20.35 -6.26
N ILE D 139 -6.80 -19.71 -7.06
CA ILE D 139 -7.17 -19.25 -8.39
C ILE D 139 -7.70 -20.42 -9.20
N ALA D 140 -7.00 -21.56 -9.21
CA ALA D 140 -7.49 -22.70 -9.98
C ALA D 140 -8.82 -23.26 -9.46
N TRP D 141 -8.94 -23.38 -8.15
CA TRP D 141 -10.15 -23.89 -7.52
C TRP D 141 -11.35 -22.97 -7.85
N ALA D 142 -11.15 -21.68 -7.71
CA ALA D 142 -12.18 -20.73 -7.99
C ALA D 142 -12.54 -20.72 -9.47
N GLN D 143 -11.54 -20.82 -10.33
CA GLN D 143 -11.75 -20.79 -11.77
C GLN D 143 -12.63 -21.95 -12.21
N ALA D 144 -12.43 -23.10 -11.60
CA ALA D 144 -13.18 -24.31 -12.02
C ALA D 144 -14.67 -24.22 -11.71
N ARG D 145 -15.07 -23.38 -10.79
CA ARG D 145 -16.48 -23.20 -10.46
C ARG D 145 -16.97 -21.76 -10.60
N SER D 146 -16.15 -20.97 -11.29
CA SER D 146 -16.39 -19.54 -11.45
C SER D 146 -16.77 -18.81 -10.19
N ALA D 147 -16.14 -19.14 -9.05
CA ALA D 147 -16.42 -18.48 -7.78
C ALA D 147 -15.89 -17.07 -7.82
N ARG D 148 -16.59 -16.16 -7.16
CA ARG D 148 -16.09 -14.78 -7.05
C ARG D 148 -14.81 -14.82 -6.21
N LEU D 149 -13.76 -14.21 -6.75
CA LEU D 149 -12.47 -14.22 -6.10
C LEU D 149 -11.85 -12.83 -6.07
N LEU D 150 -11.50 -12.40 -4.87
CA LEU D 150 -10.81 -11.15 -4.68
C LEU D 150 -9.42 -11.50 -4.15
N LEU D 151 -8.41 -11.03 -4.88
CA LEU D 151 -6.99 -11.16 -4.51
C LEU D 151 -6.47 -9.79 -4.03
N VAL D 152 -5.94 -9.80 -2.80
CA VAL D 152 -5.39 -8.60 -2.18
C VAL D 152 -3.89 -8.75 -1.92
N ASP D 153 -3.23 -7.59 -1.85
CA ASP D 153 -1.78 -7.50 -1.57
C ASP D 153 -1.54 -7.66 -0.08
N ASP D 154 -1.44 -8.87 0.40
CA ASP D 154 -1.29 -9.18 1.81
C ASP D 154 -0.79 -10.62 1.88
N GLY D 155 -0.55 -11.11 3.09
CA GLY D 155 -0.22 -12.49 3.36
C GLY D 155 -1.46 -13.23 3.93
N HIS D 156 -1.20 -14.43 4.42
CA HIS D 156 -2.25 -15.34 4.82
C HIS D 156 -3.17 -14.86 5.91
N ARG D 157 -2.67 -14.08 6.84
CA ARG D 157 -3.49 -13.62 7.95
C ARG D 157 -4.37 -12.46 7.59
N LEU D 158 -4.16 -11.81 6.43
CA LEU D 158 -4.95 -10.70 5.96
C LEU D 158 -4.99 -9.55 6.96
N GLY D 159 -3.87 -9.32 7.68
CA GLY D 159 -3.83 -8.31 8.74
C GLY D 159 -4.09 -6.91 8.31
N ALA D 160 -3.77 -6.60 7.05
CA ALA D 160 -3.99 -5.31 6.50
C ALA D 160 -5.26 -5.17 5.62
N HIS D 161 -6.08 -6.23 5.53
CA HIS D 161 -7.26 -6.23 4.72
C HIS D 161 -8.51 -6.75 5.42
N VAL D 162 -8.62 -6.46 6.71
CA VAL D 162 -9.85 -6.83 7.42
C VAL D 162 -11.01 -6.00 6.84
N GLN D 163 -10.78 -4.73 6.52
CA GLN D 163 -11.85 -3.89 6.00
C GLN D 163 -12.28 -4.40 4.64
N ALA D 164 -11.33 -4.73 3.77
CA ALA D 164 -11.66 -5.23 2.45
C ALA D 164 -12.42 -6.54 2.53
N ALA D 165 -12.05 -7.40 3.45
CA ALA D 165 -12.71 -8.70 3.60
C ALA D 165 -14.10 -8.46 4.14
N SER D 166 -14.23 -7.55 5.09
CA SER D 166 -15.56 -7.15 5.66
C SER D 166 -16.48 -6.64 4.58
N ARG D 167 -15.97 -5.79 3.72
CA ARG D 167 -16.77 -5.19 2.65
C ARG D 167 -17.22 -6.28 1.68
N ALA D 168 -16.37 -7.24 1.36
CA ALA D 168 -16.67 -8.34 0.45
C ALA D 168 -17.78 -9.20 1.07
N PHE D 169 -17.72 -9.41 2.37
CA PHE D 169 -18.75 -10.13 3.08
C PHE D 169 -20.05 -9.36 3.02
N ALA D 170 -20.03 -8.09 3.30
CA ALA D 170 -21.22 -7.29 3.23
C ALA D 170 -21.85 -7.34 1.86
N GLU D 171 -21.03 -7.27 0.82
N GLU D 171 -21.03 -7.28 0.81
CA GLU D 171 -21.58 -7.28 -0.53
CA GLU D 171 -21.51 -7.34 -0.61
C GLU D 171 -22.27 -8.60 -0.76
C GLU D 171 -22.21 -8.65 -0.90
N LEU D 172 -21.69 -9.71 -0.30
CA LEU D 172 -22.31 -11.03 -0.43
C LEU D 172 -23.65 -11.03 0.30
N LEU D 173 -23.67 -10.63 1.56
CA LEU D 173 -24.92 -10.70 2.34
C LEU D 173 -26.01 -9.82 1.70
N GLN D 174 -25.63 -8.63 1.23
CA GLN D 174 -26.56 -7.66 0.62
C GLN D 174 -27.15 -8.15 -0.70
N SER D 175 -26.53 -9.14 -1.34
CA SER D 175 -27.00 -9.69 -2.59
C SER D 175 -28.02 -10.82 -2.41
N LEU D 176 -28.10 -11.39 -1.21
CA LEU D 176 -28.97 -12.53 -0.96
C LEU D 176 -30.36 -12.02 -0.63
#